data_8Y8B
#
_entry.id   8Y8B
#
_cell.length_a   1.00
_cell.length_b   1.00
_cell.length_c   1.00
_cell.angle_alpha   90.00
_cell.angle_beta   90.00
_cell.angle_gamma   90.00
#
_symmetry.space_group_name_H-M   'P 1'
#
loop_
_entity.id
_entity.type
_entity.pdbx_description
1 polymer 'Spike glycoprotein'
2 polymer 'Transmembrane protease serine 2'
3 branched alpha-D-mannopyranose-(1-3)-beta-D-mannopyranose-(1-4)-2-acetamido-2-deoxy-beta-D-glucopyranose-(1-4)-2-acetamido-2-deoxy-beta-D-glucopyranose
4 branched beta-D-mannopyranose-(1-4)-2-acetamido-2-deoxy-beta-D-glucopyranose-(1-4)-2-acetamido-2-deoxy-beta-D-glucopyranose
5 branched 2-acetamido-2-deoxy-beta-D-glucopyranose-(1-4)-2-acetamido-2-deoxy-beta-D-glucopyranose
6 non-polymer 'methyl 9-O-acetyl-5-acetamido-3,5-dideoxy-D-glycero-alpha-D-galacto-non-2-ulopyranosidonic acid'
7 non-polymer 2-acetamido-2-deoxy-beta-D-glucopyranose
#
loop_
_entity_poly.entity_id
_entity_poly.type
_entity_poly.pdbx_seq_one_letter_code
_entity_poly.pdbx_strand_id
1 'polypeptide(L)'
;VIGDFNCTNSFINDYNKTIPRISEDVVDVSLGLGTYYVLNRVYLNTTLLFTGYFPKSGANFRDLALKGSIYLSTLWYKPP
FLSDFNNGIFSKVKNTKLYVNNTLYSEFSTIVIGSVFVNTSYTIVVQPHNGILEITACQYTMCEYPHTVCKSKGSIRNES
WHIDSSEPLCLFKKNFTYNVSADWLYFHFYQERGVFYAYYADVGMPTTFLFSLYLGTILSHYYVMPLTCNAISSNTDNET
LEYWVTPLSRRQYLLNFDEHGVITNAVDCSSSFLSEIQCKTQSFAPNTGVYDLSGFTVKPVATVYRRIPNLPDCDIDNWL
NNVSVPSPLNWERRIFSNCNFNLSTLLRLVHVDSFSCNNLDKSKIFGSCFNSITVDKFAIPNRRRDDLQLGSSGFLQSSN
YKIDISSSSCQLYYSLPLVNVTINNFNPSSWNRRYGFGSFNLSSYDVVYSDHCFSVNSDFCPCADPSVVNSCAKSKPPSA
ICPAGTKYRHCDLDTTLYVKNWCRCSCLPDPISTYSPNTCPQKKVVVGIGEHCPGLGINEEKCGTQLNHSSCFCSPDAFL
GWSFDSCISNNRCNIFSNFIFNGINSGTTCSNDLLYSNTEISTGVCVNYDLYGITGQGIFKEVSAAYYNNWQNLLYDSNG
NIIGFKDFLTNKTYTILPCYSGRVSAAFYQNSSSPALLYRNLKCSYVLNNISFISQPFYFDSYLGCVLNAVNLTSYSVSS
CDLRMGSGFCIDYALPSSGGSGSGISSPYRFVTFEPFNVSFVNDSVETVGGLFEIQIPTNFTIAGHEEFIQTSSPKVTID
CSAFVCSNYAACHDLLSEYGTFCDNINSILNEVNDLLDITQLQVANALMQGVTLSSNLNTNLHSDVDNIDFKSLLGCLGS
QCGSSSRSPLEDLLFNKVKLSDVGFVEAYNNCTGGSEIRDLLCVQSFNGIKVLPPILSETQISGYTTAATVAAMFPPWSA
AAGVPFPLNVQYRINGLGVTMDVLNKNQKLIANAFNKALLSIQNGFTATPSALAKIQSVVNANAQALNSLLQQLFNKFGA
ISSSLQEILSRLDPPEAQVQIDRLINGRLTALNAYVSQQLSDITLIKAGASRAIEKVNECVKSQSPRINFCGNGNHILSL
VQNAPYGLLFIHFSYKPTSFKTVLVSPGLCLSGDRGIAPKQGYFIKQNDSWMFTGSSYYYPEPISDKNVVFMNSCSVNFT
KAPFIYLNNSIPNLSDFEAELSLWFKNHTSIAPNLTFNSHINATFLDLYYEMNVIQESIKSLN
;
A,B
2 'polypeptide(L)'
;MGSKCSNSGIECDSSGTCINPSNWCDGVSHCPGGEDENRCVRLYGPNFILQVYSSQRKSWHPVCQDDWNENYGRAACRDM
GYKNNFYSSQGIVDDSGSTSFMKLNTSAGNVDIYKKLYHSDACSSKAVVSLRCIACGVNLNDDDDKIVGGESALPGAWPW
QVSLHVQNVHVCGGSIITPEWIVTAAHCVEKPLNNPWHWTAFAGILRQSFMFYGAGYQVEKVISHPNYDSKTKNNDIALM
KLQKPLTFNDLVKPVCLPNPGMMLQPEQLCWISGWGATEEKGKTSEVLNAAKVLLIETQRCNSRYVYDNLITPAMICAGF
LQGNVDSCQGDSGGPLVTSKNNIWWLIGDTSWGSGCAKAYRPGVYGNVMVFTDWIYRQMRADG
;
C,T
#
loop_
_chem_comp.id
_chem_comp.type
_chem_comp.name
_chem_comp.formula
BMA D-saccharide, beta linking beta-D-mannopyranose 'C6 H12 O6'
MAN D-saccharide, alpha linking alpha-D-mannopyranose 'C6 H12 O6'
MJJ D-saccharide 'methyl 9-O-acetyl-5-acetamido-3,5-dideoxy-D-glycero-alpha-D-galacto-non-2-ulopyranosidonic acid' 'C14 H23 N O10'
NAG D-saccharide, beta linking 2-acetamido-2-deoxy-beta-D-glucopyranose 'C8 H15 N O6'
#
# COMPACT_ATOMS: atom_id res chain seq x y z
N VAL A 1 12.61 5.44 37.06
CA VAL A 1 13.27 6.69 36.69
C VAL A 1 14.53 6.37 35.88
N ILE A 2 14.75 5.07 35.65
CA ILE A 2 15.90 4.63 34.86
C ILE A 2 15.81 5.14 33.43
N GLY A 3 14.67 4.96 32.78
CA GLY A 3 14.44 5.45 31.44
C GLY A 3 13.61 6.71 31.42
N ASP A 4 13.00 6.99 30.26
CA ASP A 4 12.15 8.17 30.14
C ASP A 4 10.89 7.90 29.32
N PHE A 5 10.35 6.69 29.37
CA PHE A 5 9.18 6.32 28.59
C PHE A 5 8.02 5.98 29.54
N ASN A 6 6.84 6.50 29.26
CA ASN A 6 5.68 6.20 30.09
C ASN A 6 4.99 5.01 29.48
N CYS A 7 5.19 3.88 30.14
CA CYS A 7 4.72 2.59 29.65
C CYS A 7 3.60 2.00 30.48
N THR A 8 3.66 2.13 31.80
CA THR A 8 2.62 1.58 32.67
C THR A 8 2.61 2.33 33.98
N ASN A 9 1.41 2.64 34.45
CA ASN A 9 1.20 3.29 35.75
C ASN A 9 -0.01 2.67 36.45
N SER A 10 -0.11 1.34 36.41
CA SER A 10 -1.27 0.67 36.99
C SER A 10 -1.24 0.71 38.51
N PHE A 11 -0.20 0.14 39.11
CA PHE A 11 -0.05 0.07 40.56
C PHE A 11 1.34 0.60 40.92
N ILE A 12 1.42 1.89 41.22
CA ILE A 12 2.66 2.55 41.58
C ILE A 12 2.43 3.34 42.86
N ASN A 13 3.19 3.02 43.90
CA ASN A 13 3.06 3.70 45.18
C ASN A 13 4.43 4.13 45.70
N ASP A 14 4.48 4.61 46.95
CA ASP A 14 5.71 5.07 47.58
C ASP A 14 5.91 4.28 48.87
N TYR A 15 6.68 3.19 48.78
CA TYR A 15 6.97 2.37 49.95
C TYR A 15 8.10 2.98 50.74
N ASN A 16 8.16 2.65 52.03
CA ASN A 16 9.05 3.33 52.96
C ASN A 16 10.00 2.40 53.71
N LYS A 17 9.79 1.08 53.66
CA LYS A 17 10.54 0.17 54.52
C LYS A 17 11.33 -0.86 53.71
N THR A 18 12.03 -0.42 52.66
CA THR A 18 12.89 -1.31 51.88
C THR A 18 14.33 -0.82 52.04
N ILE A 19 15.11 -1.58 52.81
CA ILE A 19 16.51 -1.25 53.09
C ILE A 19 17.36 -2.45 52.72
N PRO A 20 18.44 -2.28 51.96
CA PRO A 20 19.30 -3.43 51.65
C PRO A 20 19.98 -3.97 52.88
N ARG A 21 20.24 -5.28 52.87
CA ARG A 21 20.88 -5.96 53.98
C ARG A 21 22.36 -6.20 53.70
N ILE A 22 23.13 -6.33 54.76
CA ILE A 22 24.57 -6.59 54.67
C ILE A 22 24.82 -8.03 55.09
N SER A 23 25.57 -8.75 54.27
CA SER A 23 25.79 -10.17 54.50
C SER A 23 26.73 -10.39 55.69
N GLU A 24 26.66 -11.60 56.25
CA GLU A 24 27.55 -11.99 57.33
C GLU A 24 28.87 -12.58 56.82
N ASP A 25 28.95 -12.93 55.54
CA ASP A 25 30.15 -13.49 54.96
C ASP A 25 31.07 -12.39 54.47
N VAL A 26 32.34 -12.74 54.29
CA VAL A 26 33.36 -11.83 53.78
C VAL A 26 34.03 -12.47 52.58
N VAL A 27 34.88 -11.70 51.92
CA VAL A 27 35.59 -12.17 50.74
C VAL A 27 36.80 -12.99 51.18
N ASP A 28 36.92 -14.20 50.65
CA ASP A 28 38.04 -15.10 50.96
C ASP A 28 38.58 -15.66 49.65
N VAL A 29 39.75 -15.17 49.24
CA VAL A 29 40.35 -15.58 47.97
C VAL A 29 41.40 -16.66 48.15
N SER A 30 41.42 -17.33 49.30
CA SER A 30 42.44 -18.35 49.55
C SER A 30 42.26 -19.55 48.62
N LEU A 31 41.05 -20.07 48.53
CA LEU A 31 40.76 -21.23 47.69
C LEU A 31 40.50 -20.87 46.23
N GLY A 32 40.45 -19.58 45.90
CA GLY A 32 40.23 -19.14 44.54
C GLY A 32 38.92 -18.44 44.30
N LEU A 33 38.04 -18.33 45.31
CA LEU A 33 36.77 -17.65 45.14
C LEU A 33 36.99 -16.15 45.09
N GLY A 34 36.45 -15.50 44.08
CA GLY A 34 36.65 -14.08 43.86
C GLY A 34 37.68 -13.72 42.81
N THR A 35 38.28 -14.72 42.17
CA THR A 35 39.26 -14.51 41.11
C THR A 35 38.70 -15.01 39.79
N TYR A 36 39.28 -14.55 38.69
CA TYR A 36 38.86 -14.95 37.36
C TYR A 36 40.05 -15.44 36.55
N TYR A 37 39.77 -16.38 35.64
CA TYR A 37 40.78 -16.79 34.68
C TYR A 37 41.08 -15.65 33.71
N VAL A 38 42.17 -15.78 32.97
CA VAL A 38 42.56 -14.78 31.97
C VAL A 38 41.56 -14.88 30.83
N LEU A 39 41.62 -13.94 29.89
CA LEU A 39 40.64 -13.80 28.80
C LEU A 39 40.60 -15.11 28.03
N ASN A 40 41.69 -15.54 27.39
CA ASN A 40 41.74 -16.80 26.66
C ASN A 40 43.10 -17.46 26.77
N ARG A 41 43.86 -17.13 27.82
CA ARG A 41 45.21 -17.62 28.00
C ARG A 41 45.24 -18.82 28.92
N VAL A 42 46.20 -19.72 28.67
CA VAL A 42 46.38 -20.93 29.45
C VAL A 42 47.77 -20.91 30.06
N TYR A 43 47.87 -21.16 31.36
CA TYR A 43 49.14 -21.21 32.06
C TYR A 43 49.27 -22.54 32.77
N LEU A 44 50.40 -23.21 32.58
CA LEU A 44 50.65 -24.53 33.13
C LEU A 44 51.88 -24.50 34.04
N ASN A 45 51.70 -24.89 35.29
CA ASN A 45 52.79 -24.99 36.27
C ASN A 45 53.55 -23.67 36.39
N THR A 46 52.80 -22.60 36.68
CA THR A 46 53.38 -21.27 36.80
C THR A 46 52.77 -20.56 38.00
N THR A 47 53.46 -19.53 38.45
CA THR A 47 52.99 -18.64 39.50
C THR A 47 52.98 -17.23 38.95
N LEU A 48 51.78 -16.70 38.70
CA LEU A 48 51.61 -15.44 37.98
C LEU A 48 51.29 -14.32 38.96
N LEU A 49 51.97 -13.18 38.77
CA LEU A 49 51.69 -11.96 39.51
C LEU A 49 50.91 -11.03 38.60
N PHE A 50 49.59 -11.00 38.77
CA PHE A 50 48.69 -10.33 37.84
C PHE A 50 48.12 -9.07 38.50
N THR A 51 48.13 -7.97 37.76
CA THR A 51 47.57 -6.70 38.20
C THR A 51 46.23 -6.50 37.50
N GLY A 52 45.15 -6.85 38.19
CA GLY A 52 43.82 -6.72 37.62
C GLY A 52 42.82 -6.12 38.57
N TYR A 53 41.53 -6.23 38.23
CA TYR A 53 40.45 -5.70 39.05
C TYR A 53 39.88 -6.83 39.89
N PHE A 54 40.17 -6.79 41.20
CA PHE A 54 39.74 -7.80 42.14
C PHE A 54 39.11 -7.13 43.35
N PRO A 55 38.17 -7.81 44.02
CA PRO A 55 37.57 -7.24 45.23
C PRO A 55 38.52 -7.33 46.42
N LYS A 56 38.24 -6.48 47.41
CA LYS A 56 39.04 -6.44 48.62
C LYS A 56 38.76 -7.66 49.49
N SER A 57 39.83 -8.23 50.05
CA SER A 57 39.70 -9.39 50.93
C SER A 57 39.16 -8.95 52.28
N GLY A 58 37.99 -9.46 52.65
CA GLY A 58 37.35 -9.11 53.90
C GLY A 58 36.22 -8.12 53.79
N ALA A 59 35.77 -7.80 52.58
CA ALA A 59 34.68 -6.86 52.39
C ALA A 59 33.34 -7.57 52.47
N ASN A 60 32.30 -6.82 52.85
CA ASN A 60 30.97 -7.35 53.01
C ASN A 60 30.11 -7.06 51.79
N PHE A 61 29.18 -7.95 51.51
CA PHE A 61 28.25 -7.81 50.39
C PHE A 61 27.01 -7.03 50.82
N ARG A 62 26.19 -6.69 49.82
CA ARG A 62 24.90 -6.08 50.07
C ARG A 62 23.90 -6.61 49.05
N ASP A 63 22.67 -6.85 49.51
CA ASP A 63 21.64 -7.48 48.71
C ASP A 63 20.85 -6.41 47.97
N LEU A 64 20.73 -6.57 46.65
CA LEU A 64 19.99 -5.65 45.80
C LEU A 64 18.84 -6.35 45.09
N ALA A 65 18.34 -7.43 45.67
CA ALA A 65 17.24 -8.20 45.08
C ALA A 65 15.90 -7.59 45.51
N LEU A 66 15.02 -7.37 44.53
CA LEU A 66 13.71 -6.79 44.78
C LEU A 66 12.64 -7.71 44.22
N LYS A 67 11.65 -8.03 45.05
CA LYS A 67 10.54 -8.90 44.66
C LYS A 67 9.24 -8.23 45.07
N GLY A 68 8.33 -8.08 44.13
CA GLY A 68 7.05 -7.45 44.39
C GLY A 68 5.90 -8.29 43.86
N SER A 69 4.74 -8.12 44.50
CA SER A 69 3.55 -8.88 44.14
C SER A 69 2.65 -8.11 43.17
N ILE A 70 2.14 -6.95 43.58
CA ILE A 70 1.23 -6.18 42.75
C ILE A 70 1.75 -4.76 42.57
N TYR A 71 2.17 -4.13 43.66
CA TYR A 71 2.58 -2.73 43.63
C TYR A 71 4.08 -2.59 43.42
N LEU A 72 4.47 -1.50 42.76
CA LEU A 72 5.87 -1.15 42.57
C LEU A 72 6.12 0.21 43.20
N SER A 73 7.23 0.33 43.92
CA SER A 73 7.57 1.55 44.64
C SER A 73 8.52 2.40 43.81
N THR A 74 8.32 3.72 43.87
CA THR A 74 9.20 4.63 43.14
C THR A 74 10.57 4.72 43.78
N LEU A 75 10.66 4.47 45.09
CA LEU A 75 11.95 4.53 45.77
C LEU A 75 12.85 3.36 45.40
N TRP A 76 12.29 2.29 44.81
CA TRP A 76 13.10 1.15 44.39
C TRP A 76 13.95 1.47 43.16
N TYR A 77 13.60 2.52 42.41
CA TYR A 77 14.34 2.90 41.22
C TYR A 77 15.28 4.08 41.47
N LYS A 78 15.42 4.51 42.71
CA LYS A 78 16.32 5.59 43.09
C LYS A 78 17.48 5.02 43.89
N PRO A 79 18.53 5.80 44.15
CA PRO A 79 19.59 5.32 45.04
C PRO A 79 19.03 4.98 46.40
N PRO A 80 19.70 4.09 47.15
CA PRO A 80 20.98 3.41 46.83
C PRO A 80 20.85 2.25 45.85
N PHE A 81 19.64 2.01 45.35
CA PHE A 81 19.45 0.90 44.41
C PHE A 81 20.05 1.20 43.04
N LEU A 82 20.09 2.48 42.64
CA LEU A 82 20.73 2.88 41.40
C LEU A 82 22.15 3.30 41.74
N SER A 83 23.05 2.33 41.77
CA SER A 83 24.42 2.53 42.22
C SER A 83 25.32 2.96 41.07
N ASP A 84 26.51 3.43 41.42
CA ASP A 84 27.48 3.92 40.46
C ASP A 84 28.42 2.80 40.04
N PHE A 85 28.67 2.71 38.73
CA PHE A 85 29.60 1.71 38.18
C PHE A 85 30.94 2.40 37.97
N ASN A 86 31.75 2.44 39.02
CA ASN A 86 33.03 3.13 38.96
C ASN A 86 34.07 2.31 38.19
N ASN A 87 34.39 1.13 38.71
CA ASN A 87 35.35 0.22 38.08
C ASN A 87 34.77 -1.15 37.78
N GLY A 88 33.92 -1.67 38.65
CA GLY A 88 33.33 -2.97 38.43
C GLY A 88 32.70 -3.49 39.69
N ILE A 89 32.03 -4.64 39.54
CA ILE A 89 31.34 -5.29 40.63
C ILE A 89 31.57 -6.81 40.55
N PHE A 90 31.52 -7.46 41.71
CA PHE A 90 31.55 -8.91 41.81
C PHE A 90 30.25 -9.36 42.46
N SER A 91 29.43 -10.09 41.70
CA SER A 91 28.08 -10.43 42.11
C SER A 91 28.00 -11.89 42.51
N LYS A 92 27.28 -12.14 43.60
CA LYS A 92 26.99 -13.49 44.09
C LYS A 92 25.49 -13.71 44.00
N VAL A 93 25.06 -14.52 43.04
CA VAL A 93 23.65 -14.69 42.71
C VAL A 93 23.18 -16.04 43.22
N LYS A 94 21.97 -16.08 43.76
CA LYS A 94 21.35 -17.30 44.24
C LYS A 94 20.37 -17.82 43.19
N ASN A 95 20.45 -19.11 42.90
CA ASN A 95 19.57 -19.75 41.92
C ASN A 95 18.32 -20.25 42.63
N THR A 96 17.20 -19.59 42.39
CA THR A 96 15.93 -19.95 43.00
C THR A 96 15.27 -21.05 42.17
N LYS A 97 15.05 -22.21 42.78
CA LYS A 97 14.50 -23.38 42.12
C LYS A 97 13.04 -23.56 42.52
N LEU A 98 12.15 -23.53 41.53
CA LEU A 98 10.73 -23.70 41.75
C LEU A 98 10.27 -25.01 41.10
N TYR A 99 9.27 -25.63 41.72
CA TYR A 99 8.75 -26.93 41.27
C TYR A 99 7.32 -26.77 40.81
N VAL A 100 7.05 -27.18 39.58
CA VAL A 100 5.71 -27.17 39.00
C VAL A 100 5.49 -28.54 38.36
N ASN A 101 4.67 -29.37 39.01
CA ASN A 101 4.39 -30.74 38.56
C ASN A 101 5.68 -31.57 38.50
N ASN A 102 6.44 -31.49 39.59
CA ASN A 102 7.65 -32.30 39.79
C ASN A 102 8.70 -32.05 38.71
N THR A 103 8.87 -30.80 38.29
CA THR A 103 9.96 -30.42 37.41
C THR A 103 10.59 -29.14 37.94
N LEU A 104 11.86 -28.93 37.58
CA LEU A 104 12.66 -27.84 38.14
C LEU A 104 12.69 -26.67 37.18
N TYR A 105 12.52 -25.46 37.71
CA TYR A 105 12.67 -24.22 36.97
C TYR A 105 13.72 -23.34 37.65
N SER A 106 14.48 -22.61 36.85
CA SER A 106 15.53 -21.73 37.34
C SER A 106 15.15 -20.29 37.08
N GLU A 107 15.14 -19.48 38.14
CA GLU A 107 14.77 -18.08 38.04
C GLU A 107 15.65 -17.24 38.97
N PHE A 108 16.17 -16.15 38.44
CA PHE A 108 16.85 -15.15 39.26
C PHE A 108 16.81 -13.82 38.52
N SER A 109 17.13 -12.76 39.24
CA SER A 109 16.95 -11.40 38.74
C SER A 109 17.98 -11.08 37.65
N THR A 110 17.66 -10.06 36.87
CA THR A 110 18.51 -9.61 35.77
C THR A 110 19.05 -8.22 36.07
N ILE A 111 20.21 -7.91 35.48
CA ILE A 111 20.91 -6.66 35.73
C ILE A 111 21.04 -5.90 34.43
N VAL A 112 21.02 -4.57 34.53
CA VAL A 112 21.14 -3.67 33.39
C VAL A 112 22.28 -2.69 33.68
N ILE A 113 23.20 -2.57 32.73
CA ILE A 113 24.34 -1.66 32.83
C ILE A 113 24.28 -0.67 31.69
N GLY A 114 24.42 0.61 32.01
CA GLY A 114 24.35 1.64 30.99
C GLY A 114 24.85 2.97 31.51
N SER A 115 24.55 4.01 30.73
CA SER A 115 24.97 5.37 31.06
C SER A 115 23.78 6.28 31.34
N VAL A 116 22.84 6.40 30.40
CA VAL A 116 21.68 7.27 30.56
C VAL A 116 20.41 6.49 30.28
N PHE A 117 20.56 5.28 29.74
CA PHE A 117 19.44 4.38 29.47
C PHE A 117 18.43 5.01 28.51
N VAL A 118 18.95 5.61 27.43
CA VAL A 118 18.13 6.18 26.38
C VAL A 118 18.52 5.51 25.07
N ASN A 119 17.63 5.62 24.08
CA ASN A 119 17.89 5.00 22.78
C ASN A 119 18.99 5.70 21.98
N THR A 120 19.68 6.68 22.54
CA THR A 120 20.83 7.30 21.89
C THR A 120 22.15 6.71 22.36
N SER A 121 22.12 5.80 23.33
CA SER A 121 23.32 5.16 23.85
C SER A 121 23.07 3.66 23.98
N TYR A 122 24.14 2.92 24.23
CA TYR A 122 24.08 1.47 24.35
C TYR A 122 23.95 1.06 25.80
N THR A 123 23.25 -0.04 26.04
CA THR A 123 23.07 -0.61 27.37
C THR A 123 23.27 -2.12 27.31
N ILE A 124 23.77 -2.68 28.40
CA ILE A 124 24.07 -4.10 28.51
C ILE A 124 23.04 -4.74 29.43
N VAL A 125 22.38 -5.79 28.94
CA VAL A 125 21.35 -6.50 29.68
C VAL A 125 21.72 -7.98 29.72
N VAL A 126 21.64 -8.58 30.89
CA VAL A 126 21.91 -10.01 31.09
C VAL A 126 20.67 -10.62 31.72
N GLN A 127 19.90 -11.38 30.94
CA GLN A 127 18.65 -11.96 31.39
C GLN A 127 18.69 -13.47 31.19
N PRO A 128 18.34 -14.26 32.22
CA PRO A 128 18.29 -15.71 32.07
C PRO A 128 16.93 -16.20 31.59
N HIS A 129 16.95 -17.28 30.81
CA HIS A 129 15.73 -17.92 30.32
C HIS A 129 15.83 -19.42 30.59
N ASN A 130 15.47 -19.81 31.81
CA ASN A 130 15.40 -21.21 32.22
C ASN A 130 16.61 -22.01 31.77
N GLY A 131 17.79 -21.55 32.20
CA GLY A 131 19.03 -22.21 31.88
C GLY A 131 19.82 -21.59 30.74
N ILE A 132 19.29 -20.57 30.09
CA ILE A 132 19.94 -19.91 28.97
C ILE A 132 20.14 -18.44 29.34
N LEU A 133 21.39 -17.99 29.30
CA LEU A 133 21.71 -16.59 29.57
C LEU A 133 21.70 -15.80 28.26
N GLU A 134 20.95 -14.70 28.25
CA GLU A 134 20.85 -13.84 27.08
C GLU A 134 21.55 -12.52 27.38
N ILE A 135 22.61 -12.23 26.63
CA ILE A 135 23.39 -11.01 26.78
C ILE A 135 23.31 -10.22 25.48
N THR A 136 22.80 -8.99 25.56
CA THR A 136 22.65 -8.14 24.40
C THR A 136 23.11 -6.73 24.74
N ALA A 137 23.74 -6.07 23.77
CA ALA A 137 24.17 -4.68 23.90
C ALA A 137 23.57 -3.90 22.73
N CYS A 138 22.41 -3.29 22.97
CA CYS A 138 21.67 -2.59 21.92
C CYS A 138 21.33 -1.19 22.42
N GLN A 139 20.73 -0.40 21.53
CA GLN A 139 20.21 0.92 21.88
C GLN A 139 18.75 0.76 22.30
N TYR A 140 18.56 0.19 23.49
CA TYR A 140 17.22 -0.11 23.99
C TYR A 140 16.55 1.14 24.52
N THR A 141 15.25 1.26 24.25
CA THR A 141 14.43 2.34 24.80
C THR A 141 13.88 1.86 26.13
N MET A 142 14.66 2.04 27.19
CA MET A 142 14.27 1.56 28.51
C MET A 142 13.08 2.34 29.05
N CYS A 143 12.26 1.67 29.85
CA CYS A 143 11.11 2.31 30.46
C CYS A 143 11.52 2.96 31.77
N GLU A 144 10.58 3.70 32.36
CA GLU A 144 10.85 4.38 33.63
C GLU A 144 10.86 3.41 34.80
N TYR A 145 9.98 2.40 34.76
CA TYR A 145 9.85 1.42 35.84
C TYR A 145 9.90 0.02 35.24
N PRO A 146 11.09 -0.50 34.95
CA PRO A 146 11.19 -1.85 34.39
C PRO A 146 11.06 -2.92 35.46
N HIS A 147 10.63 -4.10 35.03
CA HIS A 147 10.48 -5.25 35.93
C HIS A 147 10.49 -6.52 35.11
N THR A 148 10.68 -7.64 35.80
CA THR A 148 10.70 -8.96 35.20
C THR A 148 9.56 -9.80 35.76
N VAL A 149 8.95 -10.61 34.91
CA VAL A 149 7.77 -11.40 35.26
C VAL A 149 8.16 -12.88 35.33
N CYS A 150 7.68 -13.56 36.36
CA CYS A 150 7.88 -15.00 36.49
C CYS A 150 7.13 -15.72 35.37
N LYS A 151 7.85 -16.60 34.66
CA LYS A 151 7.21 -17.40 33.63
C LYS A 151 6.83 -18.80 34.12
N SER A 152 7.36 -19.22 35.26
CA SER A 152 7.05 -20.56 35.76
C SER A 152 5.67 -20.61 36.40
N LYS A 153 5.38 -19.67 37.30
CA LYS A 153 4.08 -19.62 37.97
C LYS A 153 3.27 -18.38 37.61
N GLY A 154 3.72 -17.61 36.62
CA GLY A 154 2.99 -16.45 36.18
C GLY A 154 3.06 -15.30 37.16
N SER A 155 2.41 -14.20 36.79
CA SER A 155 2.35 -13.02 37.64
C SER A 155 1.14 -12.19 37.24
N ILE A 156 0.85 -11.16 38.04
CA ILE A 156 -0.28 -10.28 37.76
C ILE A 156 0.08 -9.21 36.74
N ARG A 157 1.36 -8.90 36.57
CA ARG A 157 1.81 -7.88 35.63
C ARG A 157 2.42 -8.53 34.39
N ASN A 158 2.63 -7.71 33.37
CA ASN A 158 3.26 -8.13 32.13
C ASN A 158 4.68 -7.59 32.08
N GLU A 159 5.56 -8.35 31.43
CA GLU A 159 6.96 -7.96 31.35
C GLU A 159 7.11 -6.71 30.50
N SER A 160 7.68 -5.66 31.08
CA SER A 160 7.85 -4.39 30.36
C SER A 160 9.12 -3.71 30.89
N TRP A 161 10.22 -3.87 30.15
CA TRP A 161 11.45 -3.15 30.44
C TRP A 161 11.98 -2.36 29.26
N HIS A 162 11.50 -2.61 28.04
CA HIS A 162 11.87 -1.82 26.88
C HIS A 162 10.71 -1.84 25.90
N ILE A 163 10.56 -0.76 25.15
CA ILE A 163 9.48 -0.61 24.17
C ILE A 163 10.14 -0.21 22.85
N ASP A 164 10.15 -1.13 21.89
CA ASP A 164 10.74 -0.91 20.58
C ASP A 164 9.90 -1.63 19.53
N SER A 165 9.34 -0.86 18.59
CA SER A 165 8.55 -1.48 17.52
C SER A 165 9.46 -2.25 16.57
N SER A 166 10.63 -1.71 16.26
CA SER A 166 11.61 -2.36 15.39
C SER A 166 12.81 -2.79 16.21
N GLU A 167 13.67 -3.59 15.59
CA GLU A 167 14.87 -4.07 16.26
C GLU A 167 15.91 -2.98 16.32
N PRO A 168 16.37 -2.58 17.51
CA PRO A 168 17.37 -1.52 17.60
C PRO A 168 18.74 -1.99 17.16
N LEU A 169 19.66 -1.04 17.04
CA LEU A 169 21.01 -1.32 16.61
C LEU A 169 21.79 -1.96 17.76
N CYS A 170 22.32 -3.15 17.52
CA CYS A 170 23.02 -3.93 18.55
C CYS A 170 24.48 -4.10 18.17
N LEU A 171 25.34 -4.11 19.19
CA LEU A 171 26.77 -4.37 18.99
C LEU A 171 27.18 -5.78 19.40
N PHE A 172 26.42 -6.43 20.29
CA PHE A 172 26.74 -7.76 20.75
C PHE A 172 25.45 -8.52 21.02
N LYS A 173 25.43 -9.80 20.68
CA LYS A 173 24.25 -10.63 20.87
C LYS A 173 24.69 -12.09 20.86
N LYS A 174 24.54 -12.77 21.98
CA LYS A 174 24.96 -14.17 22.09
C LYS A 174 24.25 -14.80 23.29
N ASN A 175 24.06 -16.12 23.20
CA ASN A 175 23.41 -16.89 24.24
C ASN A 175 24.41 -17.83 24.91
N PHE A 176 24.28 -17.99 26.23
CA PHE A 176 25.12 -18.88 27.01
C PHE A 176 24.24 -19.78 27.86
N THR A 177 24.79 -20.93 28.24
CA THR A 177 24.07 -21.92 29.03
C THR A 177 24.77 -22.16 30.36
N TYR A 178 23.98 -22.37 31.40
CA TYR A 178 24.49 -22.68 32.73
C TYR A 178 23.75 -23.90 33.29
N ASN A 179 24.20 -24.36 34.45
CA ASN A 179 23.60 -25.53 35.08
C ASN A 179 22.35 -25.13 35.85
N VAL A 180 21.25 -25.85 35.61
CA VAL A 180 19.98 -25.51 36.24
C VAL A 180 19.93 -25.91 37.70
N SER A 181 20.62 -26.99 38.09
CA SER A 181 20.60 -27.48 39.47
C SER A 181 21.64 -26.80 40.35
N ALA A 182 22.23 -25.69 39.89
CA ALA A 182 23.23 -25.01 40.68
C ALA A 182 22.58 -24.26 41.85
N ASP A 183 23.40 -23.93 42.84
CA ASP A 183 22.95 -23.21 44.02
C ASP A 183 23.38 -21.74 44.02
N TRP A 184 24.60 -21.44 43.61
CA TRP A 184 25.11 -20.08 43.57
C TRP A 184 25.84 -19.83 42.25
N LEU A 185 25.72 -18.61 41.75
CA LEU A 185 26.40 -18.18 40.54
C LEU A 185 27.21 -16.93 40.84
N TYR A 186 28.33 -16.78 40.14
CA TYR A 186 29.24 -15.67 40.34
C TYR A 186 29.56 -15.00 39.01
N PHE A 187 29.61 -13.67 39.01
CA PHE A 187 29.90 -12.90 37.80
C PHE A 187 30.96 -11.86 38.10
N HIS A 188 31.70 -11.49 37.04
CA HIS A 188 32.70 -10.42 37.11
C HIS A 188 32.44 -9.47 35.96
N PHE A 189 32.20 -8.19 36.28
CA PHE A 189 32.03 -7.14 35.28
C PHE A 189 32.96 -5.99 35.61
N TYR A 190 33.70 -5.52 34.61
CA TYR A 190 34.56 -4.36 34.78
C TYR A 190 34.89 -3.79 33.41
N GLN A 191 35.51 -2.61 33.42
CA GLN A 191 35.86 -1.91 32.19
C GLN A 191 37.17 -1.17 32.36
N GLU A 192 37.89 -1.00 31.25
CA GLU A 192 39.11 -0.22 31.25
C GLU A 192 39.40 0.24 29.81
N ARG A 193 39.67 1.53 29.65
CA ARG A 193 40.01 2.12 28.36
C ARG A 193 38.93 1.83 27.31
N GLY A 194 37.67 1.93 27.73
CA GLY A 194 36.55 1.78 26.82
C GLY A 194 36.19 0.37 26.42
N VAL A 195 36.85 -0.63 27.00
CA VAL A 195 36.55 -2.03 26.71
C VAL A 195 35.87 -2.65 27.91
N PHE A 196 34.77 -3.36 27.66
CA PHE A 196 33.97 -3.99 28.71
C PHE A 196 34.22 -5.49 28.72
N TYR A 197 34.49 -6.02 29.91
CA TYR A 197 34.76 -7.45 30.09
C TYR A 197 33.70 -8.06 30.99
N ALA A 198 33.44 -9.35 30.78
CA ALA A 198 32.42 -10.07 31.54
C ALA A 198 32.88 -11.49 31.83
N TYR A 199 32.58 -11.97 33.03
CA TYR A 199 32.92 -13.32 33.46
C TYR A 199 31.72 -13.93 34.17
N TYR A 200 31.68 -15.26 34.20
CA TYR A 200 30.58 -15.97 34.86
C TYR A 200 31.07 -17.33 35.33
N ALA A 201 30.33 -17.90 36.28
CA ALA A 201 30.63 -19.21 36.82
C ALA A 201 29.40 -19.75 37.53
N ASP A 202 29.16 -21.05 37.39
CA ASP A 202 28.00 -21.71 38.01
C ASP A 202 28.37 -22.56 39.21
N VAL A 203 29.65 -22.81 39.44
CA VAL A 203 30.12 -23.56 40.60
C VAL A 203 31.01 -22.66 41.42
N GLY A 204 31.50 -23.19 42.54
CA GLY A 204 32.43 -22.45 43.37
C GLY A 204 33.85 -22.62 42.89
N MET A 205 34.32 -21.66 42.10
CA MET A 205 35.61 -21.74 41.43
C MET A 205 35.92 -20.39 40.77
N PRO A 206 37.14 -20.17 40.28
CA PRO A 206 37.40 -18.95 39.50
C PRO A 206 36.47 -18.84 38.30
N THR A 207 36.19 -17.60 37.90
CA THR A 207 35.18 -17.30 36.90
C THR A 207 35.68 -17.62 35.49
N THR A 208 34.73 -17.74 34.56
CA THR A 208 35.00 -18.10 33.19
C THR A 208 34.73 -16.91 32.27
N PHE A 209 35.65 -16.68 31.32
CA PHE A 209 35.54 -15.54 30.42
C PHE A 209 34.33 -15.70 29.50
N LEU A 210 33.55 -14.63 29.37
CA LEU A 210 32.36 -14.62 28.52
C LEU A 210 32.62 -13.93 27.18
N PHE A 211 33.00 -12.66 27.20
CA PHE A 211 33.18 -11.89 25.98
C PHE A 211 33.85 -10.56 26.32
N SER A 212 34.21 -9.82 25.28
CA SER A 212 34.73 -8.47 25.41
C SER A 212 34.13 -7.60 24.31
N LEU A 213 33.90 -6.34 24.62
CA LEU A 213 33.24 -5.42 23.69
C LEU A 213 33.84 -4.04 23.83
N TYR A 214 34.16 -3.41 22.70
CA TYR A 214 34.69 -2.06 22.67
C TYR A 214 33.55 -1.08 22.45
N LEU A 215 33.31 -0.21 23.43
CA LEU A 215 32.25 0.78 23.35
C LEU A 215 32.75 2.19 23.09
N GLY A 216 33.88 2.58 23.70
CA GLY A 216 34.41 3.91 23.56
C GLY A 216 33.92 4.91 24.59
N THR A 217 32.81 4.63 25.25
CA THR A 217 32.25 5.49 26.29
C THR A 217 32.52 4.87 27.66
N ILE A 218 32.12 5.58 28.70
CA ILE A 218 32.32 5.17 30.09
C ILE A 218 30.97 4.81 30.69
N LEU A 219 30.85 3.59 31.18
CA LEU A 219 29.64 3.16 31.87
C LEU A 219 29.66 3.66 33.30
N SER A 220 28.55 4.27 33.73
CA SER A 220 28.51 4.94 35.03
C SER A 220 27.53 4.33 36.02
N HIS A 221 26.40 3.79 35.56
CA HIS A 221 25.38 3.30 36.47
C HIS A 221 24.97 1.88 36.10
N TYR A 222 24.57 1.12 37.11
CA TYR A 222 24.01 -0.22 36.94
C TYR A 222 22.81 -0.37 37.86
N TYR A 223 21.86 -1.21 37.44
CA TYR A 223 20.63 -1.38 38.20
C TYR A 223 20.14 -2.81 38.06
N VAL A 224 19.57 -3.34 39.13
CA VAL A 224 19.00 -4.68 39.17
C VAL A 224 17.48 -4.51 39.29
N MET A 225 16.76 -4.76 38.20
CA MET A 225 15.33 -4.50 38.16
C MET A 225 14.57 -5.51 39.03
N PRO A 226 13.44 -5.11 39.61
CA PRO A 226 12.67 -6.02 40.44
C PRO A 226 12.05 -7.13 39.61
N LEU A 227 11.62 -8.19 40.31
CA LEU A 227 10.98 -9.33 39.69
C LEU A 227 9.61 -9.53 40.31
N THR A 228 8.58 -9.62 39.46
CA THR A 228 7.20 -9.81 39.89
C THR A 228 6.83 -11.27 39.72
N CYS A 229 6.61 -11.97 40.84
CA CYS A 229 6.28 -13.38 40.83
C CYS A 229 4.98 -13.59 41.58
N ASN A 230 4.27 -14.66 41.21
CA ASN A 230 2.98 -14.94 41.85
C ASN A 230 3.17 -15.41 43.29
N ALA A 231 3.94 -16.48 43.49
CA ALA A 231 4.09 -17.10 44.81
C ALA A 231 5.58 -17.30 45.12
N ILE A 232 6.23 -16.24 45.62
CA ILE A 232 7.53 -16.36 46.28
C ILE A 232 7.48 -15.51 47.54
N SER A 233 7.17 -16.14 48.67
CA SER A 233 7.00 -15.44 49.94
C SER A 233 6.85 -16.48 51.03
N SER A 234 6.73 -16.00 52.26
CA SER A 234 6.46 -16.90 53.38
C SER A 234 4.96 -17.15 53.52
N ASN A 235 4.32 -17.49 52.41
CA ASN A 235 2.90 -17.83 52.36
C ASN A 235 2.63 -19.14 51.63
N THR A 236 3.39 -19.43 50.57
CA THR A 236 3.21 -20.63 49.77
C THR A 236 4.41 -21.56 49.84
N ASP A 237 5.62 -21.02 49.69
CA ASP A 237 6.84 -21.82 49.77
C ASP A 237 7.98 -20.91 50.19
N ASN A 238 8.74 -21.35 51.20
CA ASN A 238 9.81 -20.54 51.79
C ASN A 238 11.00 -20.46 50.84
N GLU A 239 10.90 -19.55 49.87
CA GLU A 239 11.96 -19.25 48.95
C GLU A 239 12.18 -17.73 48.91
N THR A 240 13.43 -17.32 48.68
CA THR A 240 13.78 -15.91 48.67
C THR A 240 14.71 -15.63 47.50
N LEU A 241 14.84 -14.35 47.17
CA LEU A 241 15.73 -13.88 46.12
C LEU A 241 16.89 -13.12 46.76
N GLU A 242 18.11 -13.43 46.33
CA GLU A 242 19.31 -12.79 46.86
C GLU A 242 20.24 -12.43 45.72
N TYR A 243 20.80 -11.21 45.79
CA TYR A 243 21.75 -10.74 44.78
C TYR A 243 22.77 -9.88 45.51
N TRP A 244 23.90 -10.46 45.85
CA TRP A 244 24.95 -9.79 46.60
C TRP A 244 25.96 -9.15 45.64
N VAL A 245 26.35 -7.91 45.95
CA VAL A 245 27.23 -7.12 45.10
C VAL A 245 28.32 -6.50 45.96
N THR A 246 29.56 -6.56 45.51
CA THR A 246 30.68 -5.92 46.15
C THR A 246 31.51 -5.15 45.14
N PRO A 247 32.05 -4.00 45.51
CA PRO A 247 32.83 -3.20 44.57
C PRO A 247 34.14 -3.87 44.17
N LEU A 248 34.65 -3.44 43.03
CA LEU A 248 35.91 -3.94 42.48
C LEU A 248 36.95 -2.83 42.44
N SER A 249 38.21 -3.20 42.64
CA SER A 249 39.31 -2.25 42.63
C SER A 249 40.51 -2.87 41.93
N ARG A 250 41.38 -2.01 41.41
CA ARG A 250 42.59 -2.45 40.73
C ARG A 250 43.62 -2.89 41.77
N ARG A 251 43.77 -4.18 41.94
CA ARG A 251 44.69 -4.75 42.93
C ARG A 251 45.74 -5.60 42.23
N GLN A 252 46.61 -6.21 43.04
CA GLN A 252 47.66 -7.09 42.56
C GLN A 252 47.56 -8.42 43.31
N TYR A 253 47.44 -9.51 42.56
CA TYR A 253 47.24 -10.83 43.13
C TYR A 253 48.33 -11.78 42.64
N LEU A 254 48.41 -12.94 43.29
CA LEU A 254 49.36 -13.98 42.93
C LEU A 254 48.57 -15.27 42.72
N LEU A 255 48.65 -15.82 41.51
CA LEU A 255 47.88 -16.99 41.13
C LEU A 255 48.81 -18.17 40.89
N ASN A 256 48.42 -19.34 41.38
CA ASN A 256 49.19 -20.57 41.23
C ASN A 256 48.42 -21.54 40.34
N PHE A 257 49.07 -22.01 39.28
CA PHE A 257 48.47 -22.93 38.33
C PHE A 257 49.11 -24.31 38.48
N ASP A 258 48.29 -25.35 38.36
CA ASP A 258 48.76 -26.72 38.50
C ASP A 258 49.19 -27.27 37.14
N GLU A 259 49.39 -28.59 37.07
CA GLU A 259 49.82 -29.20 35.82
C GLU A 259 48.78 -29.06 34.72
N HIS A 260 47.50 -29.11 35.08
CA HIS A 260 46.41 -29.03 34.11
C HIS A 260 45.89 -27.61 33.92
N GLY A 261 46.58 -26.62 34.48
CA GLY A 261 46.17 -25.24 34.29
C GLY A 261 45.01 -24.79 35.15
N VAL A 262 44.74 -25.49 36.24
CA VAL A 262 43.66 -25.14 37.16
C VAL A 262 44.24 -24.34 38.32
N ILE A 263 43.54 -23.29 38.73
CA ILE A 263 43.99 -22.43 39.82
C ILE A 263 43.81 -23.18 41.13
N THR A 264 44.90 -23.30 41.89
CA THR A 264 44.88 -24.00 43.17
C THR A 264 44.56 -23.04 44.32
N ASN A 265 45.39 -22.00 44.48
CA ASN A 265 45.18 -21.02 45.53
C ASN A 265 45.59 -19.65 45.03
N ALA A 266 45.12 -18.62 45.72
CA ALA A 266 45.41 -17.23 45.38
C ALA A 266 45.68 -16.45 46.66
N VAL A 267 46.61 -15.49 46.56
CA VAL A 267 47.02 -14.68 47.70
C VAL A 267 46.93 -13.22 47.30
N ASP A 268 46.20 -12.43 48.08
CA ASP A 268 46.14 -10.99 47.88
C ASP A 268 47.39 -10.35 48.47
N CYS A 269 48.08 -9.55 47.66
CA CYS A 269 49.33 -8.93 48.13
C CYS A 269 49.11 -7.98 49.30
N SER A 270 47.89 -7.50 49.50
CA SER A 270 47.56 -6.64 50.63
C SER A 270 46.64 -7.41 51.58
N SER A 271 47.14 -7.68 52.78
CA SER A 271 46.37 -8.43 53.77
C SER A 271 45.19 -7.61 54.27
N ALA B 302 49.70 -15.14 3.59
CA ALA B 302 50.74 -15.05 4.61
C ALA B 302 50.22 -14.34 5.85
N THR B 303 48.92 -14.04 5.86
CA THR B 303 48.26 -13.37 6.97
C THR B 303 47.20 -14.30 7.54
N VAL B 304 47.36 -14.67 8.81
CA VAL B 304 46.40 -15.53 9.51
C VAL B 304 45.54 -14.63 10.38
N TYR B 305 44.26 -14.53 10.05
CA TYR B 305 43.32 -13.64 10.74
C TYR B 305 42.17 -14.47 11.27
N ARG B 306 42.15 -14.68 12.58
CA ARG B 306 41.07 -15.41 13.24
C ARG B 306 40.47 -14.55 14.35
N ARG B 307 39.14 -14.50 14.40
CA ARG B 307 38.45 -13.69 15.39
C ARG B 307 37.04 -14.25 15.57
N ILE B 308 36.56 -14.23 16.82
CA ILE B 308 35.25 -14.74 17.16
C ILE B 308 34.21 -13.66 16.90
N PRO B 309 33.15 -13.95 16.14
CA PRO B 309 32.15 -12.92 15.85
C PRO B 309 31.32 -12.57 17.08
N ASN B 310 30.78 -11.36 17.06
CA ASN B 310 29.90 -10.89 18.13
C ASN B 310 28.43 -10.96 17.78
N LEU B 311 28.09 -11.17 16.51
CA LEU B 311 26.71 -11.26 16.05
C LEU B 311 26.48 -12.57 15.32
N PRO B 312 25.26 -13.12 15.40
CA PRO B 312 24.99 -14.40 14.72
C PRO B 312 24.88 -14.26 13.21
N ASP B 313 24.56 -15.35 12.53
CA ASP B 313 24.44 -15.36 11.09
C ASP B 313 23.03 -14.96 10.67
N CYS B 314 22.92 -14.44 9.44
CA CYS B 314 21.64 -13.94 8.97
C CYS B 314 20.70 -15.07 8.57
N ASP B 315 21.24 -16.12 7.94
CA ASP B 315 20.47 -17.27 7.47
C ASP B 315 19.37 -16.83 6.48
N ILE B 316 19.82 -16.23 5.37
CA ILE B 316 18.90 -15.80 4.35
C ILE B 316 18.48 -16.98 3.47
N ASP B 317 19.38 -17.93 3.28
CA ASP B 317 19.07 -19.09 2.43
C ASP B 317 17.95 -19.94 3.02
N ASN B 318 17.84 -19.99 4.35
CA ASN B 318 16.78 -20.76 4.97
C ASN B 318 15.41 -20.16 4.67
N TRP B 319 15.32 -18.83 4.59
CA TRP B 319 14.05 -18.20 4.26
C TRP B 319 13.80 -18.21 2.76
N LEU B 320 14.86 -18.16 1.96
CA LEU B 320 14.68 -18.21 0.51
C LEU B 320 14.29 -19.61 0.03
N ASN B 321 14.86 -20.65 0.64
CA ASN B 321 14.56 -22.02 0.27
C ASN B 321 13.41 -22.61 1.10
N ASN B 322 12.52 -21.77 1.61
CA ASN B 322 11.40 -22.26 2.40
C ASN B 322 10.39 -23.00 1.53
N VAL B 323 9.70 -23.96 2.13
CA VAL B 323 8.77 -24.78 1.37
C VAL B 323 7.51 -24.03 0.98
N SER B 324 7.22 -22.91 1.64
CA SER B 324 6.05 -22.10 1.34
C SER B 324 6.48 -20.90 0.50
N VAL B 325 5.98 -20.83 -0.72
CA VAL B 325 6.30 -19.76 -1.67
C VAL B 325 5.05 -18.90 -1.84
N PRO B 326 5.09 -17.61 -1.50
CA PRO B 326 3.90 -16.78 -1.66
C PRO B 326 3.68 -16.35 -3.09
N SER B 327 2.44 -16.05 -3.41
CA SER B 327 2.07 -15.56 -4.73
C SER B 327 2.44 -14.09 -4.86
N PRO B 328 2.48 -13.56 -6.09
CA PRO B 328 2.73 -12.11 -6.25
C PRO B 328 1.76 -11.23 -5.50
N LEU B 329 0.56 -11.73 -5.16
CA LEU B 329 -0.38 -10.93 -4.41
C LEU B 329 0.02 -10.83 -2.93
N ASN B 330 0.81 -11.78 -2.44
CA ASN B 330 1.25 -11.79 -1.05
C ASN B 330 2.60 -11.12 -0.87
N TRP B 331 3.64 -11.64 -1.54
CA TRP B 331 5.01 -11.13 -1.49
C TRP B 331 5.45 -10.82 -0.06
N GLU B 332 5.55 -11.89 0.72
CA GLU B 332 5.99 -11.77 2.11
C GLU B 332 7.34 -11.07 2.20
N ARG B 333 7.56 -10.38 3.32
CA ARG B 333 8.76 -9.58 3.54
C ARG B 333 9.38 -9.93 4.89
N ARG B 334 10.70 -10.03 4.91
CA ARG B 334 11.47 -10.23 6.13
C ARG B 334 12.66 -9.29 6.15
N ILE B 335 12.88 -8.64 7.30
CA ILE B 335 13.95 -7.66 7.46
C ILE B 335 15.07 -8.29 8.25
N PHE B 336 16.29 -8.22 7.71
CA PHE B 336 17.48 -8.76 8.35
C PHE B 336 18.33 -7.62 8.88
N SER B 337 18.70 -7.70 10.16
CA SER B 337 19.51 -6.67 10.79
C SER B 337 20.31 -7.30 11.93
N ASN B 338 21.47 -6.70 12.20
CA ASN B 338 22.36 -7.15 13.28
C ASN B 338 22.77 -8.61 13.09
N CYS B 339 23.41 -8.88 11.95
CA CYS B 339 23.87 -10.22 11.63
C CYS B 339 24.96 -10.12 10.56
N ASN B 340 25.64 -11.23 10.34
CA ASN B 340 26.70 -11.32 9.34
C ASN B 340 26.27 -12.24 8.22
N PHE B 341 26.61 -11.87 6.98
CA PHE B 341 26.23 -12.63 5.81
C PHE B 341 27.41 -12.78 4.87
N ASN B 342 27.34 -13.81 4.03
CA ASN B 342 28.37 -14.12 3.06
C ASN B 342 27.69 -14.29 1.70
N LEU B 343 28.02 -13.40 0.76
CA LEU B 343 27.31 -13.37 -0.52
C LEU B 343 27.66 -14.60 -1.37
N SER B 344 28.91 -15.06 -1.30
CA SER B 344 29.32 -16.21 -2.10
C SER B 344 28.58 -17.46 -1.68
N THR B 345 28.51 -17.72 -0.37
CA THR B 345 27.77 -18.88 0.12
C THR B 345 26.29 -18.78 -0.21
N LEU B 346 25.73 -17.56 -0.12
CA LEU B 346 24.33 -17.38 -0.45
C LEU B 346 24.06 -17.68 -1.93
N LEU B 347 24.94 -17.23 -2.81
CA LEU B 347 24.74 -17.48 -4.24
C LEU B 347 25.03 -18.94 -4.59
N ARG B 348 25.87 -19.62 -3.80
CA ARG B 348 26.18 -21.01 -4.09
C ARG B 348 25.07 -21.94 -3.61
N LEU B 349 24.51 -21.70 -2.42
CA LEU B 349 23.48 -22.56 -1.88
C LEU B 349 22.11 -22.34 -2.51
N VAL B 350 21.96 -21.33 -3.36
CA VAL B 350 20.71 -21.06 -4.06
C VAL B 350 20.97 -21.19 -5.55
N HIS B 351 20.06 -21.87 -6.27
CA HIS B 351 20.21 -22.07 -7.70
C HIS B 351 19.96 -20.77 -8.44
N VAL B 352 21.02 -20.01 -8.70
CA VAL B 352 20.90 -18.66 -9.25
C VAL B 352 20.81 -18.73 -10.77
N ASP B 353 19.88 -17.95 -11.34
CA ASP B 353 19.74 -17.81 -12.77
C ASP B 353 20.16 -16.45 -13.28
N SER B 354 19.85 -15.38 -12.53
CA SER B 354 20.22 -14.03 -12.92
C SER B 354 20.28 -13.16 -11.68
N PHE B 355 21.29 -12.29 -11.62
CA PHE B 355 21.51 -11.41 -10.47
C PHE B 355 22.04 -10.08 -10.97
N SER B 356 21.25 -9.03 -10.83
CA SER B 356 21.66 -7.69 -11.23
C SER B 356 21.23 -6.69 -10.17
N CYS B 357 21.92 -5.55 -10.13
CA CYS B 357 21.67 -4.52 -9.13
C CYS B 357 21.38 -3.20 -9.82
N ASN B 358 20.69 -2.31 -9.09
CA ASN B 358 20.32 -0.99 -9.58
C ASN B 358 20.78 0.07 -8.59
N ASN B 359 21.39 1.13 -9.12
CA ASN B 359 21.93 2.23 -8.31
C ASN B 359 22.96 1.75 -7.29
N LEU B 360 23.62 0.63 -7.60
CA LEU B 360 24.60 0.04 -6.72
C LEU B 360 25.37 -1.03 -7.49
N ASP B 361 26.65 -1.15 -7.19
CA ASP B 361 27.53 -2.10 -7.85
C ASP B 361 27.79 -3.30 -6.94
N LYS B 362 28.00 -4.46 -7.57
CA LYS B 362 28.23 -5.67 -6.79
C LYS B 362 29.63 -5.68 -6.16
N SER B 363 30.55 -4.86 -6.67
CA SER B 363 31.90 -4.85 -6.13
C SER B 363 31.94 -4.26 -4.73
N LYS B 364 31.13 -3.23 -4.47
CA LYS B 364 31.13 -2.58 -3.17
C LYS B 364 30.30 -3.33 -2.14
N ILE B 365 29.60 -4.40 -2.53
CA ILE B 365 28.84 -5.18 -1.55
C ILE B 365 29.78 -5.97 -0.65
N PHE B 366 30.86 -6.51 -1.22
CA PHE B 366 31.80 -7.34 -0.49
C PHE B 366 32.59 -6.47 0.49
N GLY B 367 32.31 -6.62 1.78
CA GLY B 367 33.04 -5.91 2.81
C GLY B 367 32.40 -4.64 3.32
N SER B 368 31.16 -4.35 2.92
CA SER B 368 30.47 -3.16 3.37
C SER B 368 29.47 -3.49 4.46
N CYS B 369 29.23 -2.52 5.34
CA CYS B 369 28.29 -2.66 6.45
C CYS B 369 27.04 -1.86 6.16
N PHE B 370 25.88 -2.43 6.50
CA PHE B 370 24.59 -1.80 6.29
C PHE B 370 23.81 -1.78 7.60
N ASN B 371 22.78 -0.94 7.65
CA ASN B 371 21.94 -0.88 8.84
C ASN B 371 20.93 -2.02 8.87
N SER B 372 20.23 -2.23 7.76
CA SER B 372 19.24 -3.30 7.67
C SER B 372 19.08 -3.70 6.23
N ILE B 373 18.66 -4.94 6.01
CA ILE B 373 18.42 -5.49 4.68
C ILE B 373 17.06 -6.16 4.68
N THR B 374 16.18 -5.72 3.78
CA THR B 374 14.86 -6.28 3.63
C THR B 374 14.76 -7.04 2.31
N VAL B 375 14.15 -8.21 2.34
CA VAL B 375 14.05 -9.10 1.19
C VAL B 375 12.58 -9.41 0.93
N ASP B 376 12.17 -9.27 -0.32
CA ASP B 376 10.82 -9.59 -0.76
C ASP B 376 10.88 -10.69 -1.80
N LYS B 377 10.03 -11.71 -1.65
CA LYS B 377 10.05 -12.85 -2.56
C LYS B 377 8.64 -13.21 -2.98
N PHE B 378 8.52 -13.69 -4.21
CA PHE B 378 7.26 -14.20 -4.75
C PHE B 378 7.57 -14.97 -6.04
N ALA B 379 6.67 -15.88 -6.38
CA ALA B 379 6.82 -16.70 -7.57
C ALA B 379 6.48 -15.90 -8.82
N ILE B 380 7.07 -16.31 -9.94
CA ILE B 380 6.95 -15.60 -11.21
C ILE B 380 6.03 -16.41 -12.12
N PRO B 381 4.93 -15.85 -12.62
CA PRO B 381 4.17 -16.53 -13.67
C PRO B 381 4.93 -16.52 -14.98
N ASN B 382 4.70 -17.57 -15.78
CA ASN B 382 5.41 -17.68 -17.05
C ASN B 382 4.94 -16.62 -18.05
N ARG B 383 3.72 -16.11 -17.89
CA ARG B 383 3.21 -15.11 -18.82
C ARG B 383 3.81 -13.74 -18.55
N ARG B 384 3.82 -13.31 -17.29
CA ARG B 384 4.19 -11.95 -16.92
C ARG B 384 5.63 -11.84 -16.41
N ARG B 385 6.55 -12.63 -16.96
CA ARG B 385 7.94 -12.53 -16.53
C ARG B 385 8.59 -11.25 -17.04
N ASP B 386 8.14 -10.73 -18.18
CA ASP B 386 8.69 -9.50 -18.72
C ASP B 386 8.22 -8.25 -17.99
N ASP B 387 7.20 -8.36 -17.15
CA ASP B 387 6.69 -7.21 -16.42
C ASP B 387 7.54 -6.85 -15.21
N LEU B 388 8.55 -7.65 -14.87
CA LEU B 388 9.37 -7.41 -13.69
C LEU B 388 10.61 -6.59 -13.99
N GLN B 389 10.72 -6.02 -15.19
CA GLN B 389 11.88 -5.21 -15.53
C GLN B 389 11.85 -3.88 -14.77
N LEU B 390 12.99 -3.19 -14.79
CA LEU B 390 13.12 -1.92 -14.09
C LEU B 390 12.38 -0.82 -14.82
N GLY B 391 11.09 -0.66 -14.54
CA GLY B 391 10.27 0.33 -15.19
C GLY B 391 9.40 -0.27 -16.28
N SER B 392 8.13 -0.51 -15.96
CA SER B 392 7.21 -1.13 -16.90
C SER B 392 5.77 -1.01 -16.40
N SER B 393 4.85 -0.69 -17.31
CA SER B 393 3.43 -0.58 -16.95
C SER B 393 2.70 -1.91 -17.14
N GLY B 394 3.25 -2.96 -16.53
CA GLY B 394 2.64 -4.27 -16.59
C GLY B 394 1.66 -4.50 -15.46
N PHE B 395 0.95 -5.64 -15.54
CA PHE B 395 -0.05 -5.96 -14.53
C PHE B 395 0.60 -6.15 -13.16
N LEU B 396 1.78 -6.79 -13.13
CA LEU B 396 2.43 -7.05 -11.85
C LEU B 396 2.84 -5.75 -11.16
N GLN B 397 3.62 -4.92 -11.84
CA GLN B 397 4.09 -3.67 -11.24
C GLN B 397 3.01 -2.63 -11.05
N SER B 398 1.78 -2.90 -11.52
CA SER B 398 0.70 -1.96 -11.33
C SER B 398 -0.32 -2.42 -10.30
N SER B 399 -0.42 -3.74 -10.06
CA SER B 399 -1.45 -4.28 -9.19
C SER B 399 -0.93 -5.11 -8.03
N ASN B 400 0.26 -5.71 -8.13
CA ASN B 400 0.75 -6.63 -7.12
C ASN B 400 1.97 -6.09 -6.36
N TYR B 401 3.04 -5.74 -7.07
CA TYR B 401 4.27 -5.31 -6.41
C TYR B 401 4.99 -4.30 -7.27
N LYS B 402 5.26 -3.13 -6.69
CA LYS B 402 5.93 -2.03 -7.39
C LYS B 402 7.40 -2.01 -6.98
N ILE B 403 8.29 -2.01 -7.97
CA ILE B 403 9.73 -1.97 -7.72
C ILE B 403 10.19 -0.53 -7.72
N ASP B 404 10.87 -0.12 -6.65
CA ASP B 404 11.35 1.24 -6.52
C ASP B 404 12.62 1.44 -7.34
N ILE B 405 12.67 2.52 -8.10
CA ILE B 405 13.82 2.80 -8.95
C ILE B 405 14.82 3.76 -8.31
N SER B 406 14.40 4.53 -7.30
CA SER B 406 15.25 5.53 -6.68
C SER B 406 15.91 5.02 -5.40
N SER B 407 16.23 3.73 -5.34
CA SER B 407 16.90 3.15 -4.19
C SER B 407 17.91 2.12 -4.66
N SER B 408 18.91 1.86 -3.82
CA SER B 408 19.94 0.86 -4.11
C SER B 408 19.34 -0.52 -3.88
N SER B 409 19.09 -1.25 -4.97
CA SER B 409 18.44 -2.55 -4.88
C SER B 409 19.11 -3.51 -5.85
N CYS B 410 18.90 -4.81 -5.60
CA CYS B 410 19.41 -5.87 -6.44
C CYS B 410 18.29 -6.88 -6.71
N GLN B 411 18.18 -7.31 -7.96
CA GLN B 411 17.16 -8.25 -8.38
C GLN B 411 17.79 -9.63 -8.57
N LEU B 412 17.12 -10.66 -8.08
CA LEU B 412 17.63 -12.02 -8.12
C LEU B 412 16.55 -12.96 -8.64
N TYR B 413 16.90 -13.75 -9.65
CA TYR B 413 16.03 -14.78 -10.19
C TYR B 413 16.64 -16.15 -9.89
N TYR B 414 15.92 -16.96 -9.12
CA TYR B 414 16.42 -18.28 -8.73
C TYR B 414 15.30 -19.31 -8.87
N SER B 415 15.70 -20.58 -8.81
CA SER B 415 14.78 -21.69 -9.00
C SER B 415 14.79 -22.59 -7.77
N LEU B 416 13.73 -23.37 -7.63
CA LEU B 416 13.54 -24.29 -6.52
C LEU B 416 12.95 -25.58 -7.04
N PRO B 417 13.40 -26.73 -6.52
CA PRO B 417 12.86 -28.02 -6.97
C PRO B 417 11.36 -28.11 -6.71
N LEU B 418 10.67 -28.80 -7.62
CA LEU B 418 9.22 -28.93 -7.52
C LEU B 418 8.79 -29.89 -6.41
N VAL B 419 9.74 -30.62 -5.81
CA VAL B 419 9.39 -31.53 -4.73
C VAL B 419 9.26 -30.77 -3.41
N ASN B 420 8.34 -31.24 -2.57
CA ASN B 420 7.96 -30.67 -1.28
C ASN B 420 7.93 -29.14 -1.27
N VAL B 421 7.32 -28.53 -2.29
CA VAL B 421 7.12 -27.10 -2.35
C VAL B 421 5.63 -26.83 -2.58
N THR B 422 5.10 -25.83 -1.89
CA THR B 422 3.69 -25.48 -2.00
C THR B 422 3.56 -23.97 -2.19
N ILE B 423 2.51 -23.57 -2.90
CA ILE B 423 2.24 -22.18 -3.21
C ILE B 423 1.03 -21.72 -2.41
N ASN B 424 1.17 -20.60 -1.70
CA ASN B 424 0.11 -20.05 -0.87
C ASN B 424 -0.57 -18.92 -1.61
N ASN B 425 -1.83 -19.13 -1.97
CA ASN B 425 -2.64 -18.13 -2.67
C ASN B 425 -3.66 -17.59 -1.67
N PHE B 426 -3.31 -16.49 -1.01
CA PHE B 426 -4.14 -15.87 0.01
C PHE B 426 -4.43 -14.42 -0.38
N ASN B 427 -5.69 -14.03 -0.27
CA ASN B 427 -6.08 -12.66 -0.58
C ASN B 427 -5.93 -11.79 0.65
N PRO B 428 -5.06 -10.78 0.64
CA PRO B 428 -4.86 -9.96 1.84
C PRO B 428 -5.87 -8.84 1.96
N SER B 429 -6.95 -8.89 1.16
CA SER B 429 -7.96 -7.86 1.16
C SER B 429 -8.86 -8.00 2.39
N SER B 430 -9.19 -6.87 3.02
CA SER B 430 -10.01 -6.90 4.22
C SER B 430 -11.50 -6.89 3.86
N TRP B 431 -11.91 -5.98 2.98
CA TRP B 431 -13.32 -5.86 2.65
C TRP B 431 -13.80 -6.98 1.73
N ASN B 432 -12.89 -7.69 1.08
CA ASN B 432 -13.30 -8.83 0.26
C ASN B 432 -13.71 -10.02 1.13
N ARG B 433 -12.92 -10.33 2.15
CA ARG B 433 -13.27 -11.43 3.05
C ARG B 433 -14.40 -11.06 3.99
N ARG B 434 -14.74 -9.77 4.09
CA ARG B 434 -15.85 -9.37 4.95
C ARG B 434 -17.19 -9.79 4.37
N TYR B 435 -17.28 -9.91 3.04
CA TYR B 435 -18.53 -10.22 2.38
C TYR B 435 -18.56 -11.65 1.81
N GLY B 436 -17.66 -12.52 2.27
CA GLY B 436 -17.76 -13.92 1.94
C GLY B 436 -16.82 -14.42 0.85
N PHE B 437 -15.56 -14.03 0.89
CA PHE B 437 -14.56 -14.55 -0.02
C PHE B 437 -13.79 -15.67 0.64
N GLY B 438 -13.67 -16.81 -0.05
CA GLY B 438 -12.97 -17.95 0.49
C GLY B 438 -11.59 -18.15 -0.10
N SER B 439 -11.45 -19.11 -1.00
CA SER B 439 -10.18 -19.41 -1.64
C SER B 439 -10.38 -19.51 -3.15
N PHE B 440 -9.25 -19.48 -3.87
CA PHE B 440 -9.32 -19.54 -5.33
C PHE B 440 -9.57 -20.96 -5.84
N ASN B 441 -9.15 -21.98 -5.11
CA ASN B 441 -9.35 -23.38 -5.47
C ASN B 441 -8.75 -23.69 -6.84
N LEU B 442 -7.43 -23.56 -6.91
CA LEU B 442 -6.68 -23.82 -8.12
C LEU B 442 -5.82 -25.07 -7.95
N SER B 443 -5.35 -25.59 -9.08
CA SER B 443 -4.52 -26.77 -9.07
C SER B 443 -3.13 -26.45 -8.50
N SER B 444 -2.31 -27.49 -8.37
CA SER B 444 -0.98 -27.31 -7.82
C SER B 444 -0.07 -26.58 -8.80
N TYR B 445 0.94 -25.90 -8.24
CA TYR B 445 1.95 -25.19 -9.03
C TYR B 445 1.32 -24.10 -9.89
N ASP B 446 0.36 -23.38 -9.32
CA ASP B 446 -0.31 -22.26 -9.98
C ASP B 446 -0.30 -21.06 -9.06
N VAL B 447 0.03 -19.90 -9.61
CA VAL B 447 0.11 -18.65 -8.86
C VAL B 447 -0.96 -17.70 -9.36
N VAL B 448 -1.44 -16.83 -8.48
CA VAL B 448 -2.52 -15.89 -8.79
C VAL B 448 -1.95 -14.48 -8.86
N TYR B 449 -2.31 -13.75 -9.91
CA TYR B 449 -1.93 -12.36 -10.06
C TYR B 449 -3.15 -11.54 -10.47
N SER B 450 -3.10 -10.25 -10.14
CA SER B 450 -4.21 -9.34 -10.39
C SER B 450 -3.84 -8.37 -11.51
N ASP B 451 -4.83 -8.04 -12.34
CA ASP B 451 -4.65 -7.08 -13.40
C ASP B 451 -5.41 -5.78 -13.18
N HIS B 452 -6.42 -5.77 -12.31
CA HIS B 452 -7.15 -4.57 -11.95
C HIS B 452 -7.46 -4.60 -10.46
N CYS B 453 -6.97 -3.61 -9.73
CA CYS B 453 -7.15 -3.52 -8.28
C CYS B 453 -8.01 -2.32 -7.95
N PHE B 454 -8.89 -2.48 -6.97
CA PHE B 454 -9.84 -1.45 -6.59
C PHE B 454 -9.72 -1.12 -5.11
N SER B 455 -10.24 0.03 -4.73
CA SER B 455 -10.22 0.51 -3.35
C SER B 455 -11.54 1.19 -3.02
N VAL B 456 -12.06 0.92 -1.82
CA VAL B 456 -13.31 1.49 -1.36
C VAL B 456 -13.13 2.05 0.04
N ASN B 457 -14.07 2.89 0.45
CA ASN B 457 -14.07 3.45 1.79
C ASN B 457 -14.62 2.45 2.79
N SER B 458 -14.53 2.81 4.07
CA SER B 458 -15.07 1.95 5.12
C SER B 458 -16.60 1.88 5.04
N ASP B 459 -17.23 2.91 4.49
CA ASP B 459 -18.68 2.92 4.30
C ASP B 459 -18.99 2.39 2.90
N PHE B 460 -19.07 1.06 2.80
CA PHE B 460 -19.29 0.40 1.53
C PHE B 460 -20.02 -0.93 1.77
N CYS B 461 -20.99 -1.22 0.91
CA CYS B 461 -21.76 -2.45 1.01
C CYS B 461 -22.30 -2.83 -0.36
N PRO B 462 -21.83 -3.95 -0.95
CA PRO B 462 -22.38 -4.44 -2.22
C PRO B 462 -23.79 -5.01 -2.07
N CYS B 463 -24.70 -4.20 -1.56
CA CYS B 463 -26.03 -4.66 -1.18
C CYS B 463 -26.99 -3.49 -1.19
N ALA B 464 -28.22 -3.75 -1.61
CA ALA B 464 -29.27 -2.74 -1.68
C ALA B 464 -30.29 -2.97 -0.58
N ASP B 465 -31.01 -1.90 -0.24
CA ASP B 465 -32.07 -1.98 0.76
C ASP B 465 -33.28 -2.68 0.12
N PRO B 466 -33.64 -3.88 0.57
CA PRO B 466 -34.71 -4.62 -0.10
C PRO B 466 -36.07 -3.94 -0.03
N SER B 467 -36.26 -2.99 0.90
CA SER B 467 -37.53 -2.29 0.98
C SER B 467 -37.77 -1.42 -0.25
N VAL B 468 -36.70 -0.86 -0.82
CA VAL B 468 -36.85 0.01 -1.98
C VAL B 468 -36.93 -0.82 -3.26
N VAL B 469 -36.21 -1.95 -3.32
CA VAL B 469 -36.18 -2.77 -4.52
C VAL B 469 -37.51 -3.47 -4.80
N ASN B 470 -38.43 -3.48 -3.83
CA ASN B 470 -39.71 -4.14 -4.05
C ASN B 470 -40.48 -3.50 -5.19
N SER B 471 -40.32 -2.19 -5.39
CA SER B 471 -41.03 -1.48 -6.44
C SER B 471 -40.14 -1.36 -7.67
N CYS B 472 -39.84 -2.52 -8.26
CA CYS B 472 -39.03 -2.61 -9.46
C CYS B 472 -39.60 -3.68 -10.38
N ALA B 473 -39.53 -3.44 -11.67
CA ALA B 473 -40.01 -4.41 -12.66
C ALA B 473 -38.96 -4.76 -13.69
N LYS B 474 -38.11 -3.81 -14.09
CA LYS B 474 -37.05 -4.06 -15.06
C LYS B 474 -35.70 -3.90 -14.37
N SER B 475 -34.84 -4.91 -14.54
CA SER B 475 -33.50 -4.93 -13.94
C SER B 475 -33.58 -4.78 -12.42
N LYS B 476 -34.32 -5.68 -11.80
CA LYS B 476 -34.46 -5.68 -10.35
C LYS B 476 -33.25 -6.36 -9.71
N PRO B 477 -32.40 -5.65 -8.99
CA PRO B 477 -31.19 -6.26 -8.44
C PRO B 477 -31.50 -7.03 -7.17
N PRO B 478 -30.73 -8.08 -6.88
CA PRO B 478 -30.91 -8.80 -5.61
C PRO B 478 -30.45 -7.96 -4.43
N SER B 479 -31.16 -8.10 -3.32
CA SER B 479 -30.90 -7.31 -2.12
C SER B 479 -30.87 -8.22 -0.90
N ALA B 480 -30.24 -7.74 0.16
CA ALA B 480 -30.16 -8.45 1.43
C ALA B 480 -29.86 -7.44 2.53
N ILE B 481 -29.62 -7.95 3.73
CA ILE B 481 -29.39 -7.11 4.90
C ILE B 481 -27.90 -6.84 5.04
N CYS B 482 -27.51 -5.56 4.92
CA CYS B 482 -26.14 -5.07 5.06
C CYS B 482 -25.81 -4.80 6.51
N PRO B 483 -24.60 -5.12 6.95
CA PRO B 483 -24.20 -4.82 8.34
C PRO B 483 -24.30 -3.34 8.64
N ALA B 484 -24.46 -3.03 9.93
CA ALA B 484 -24.62 -1.65 10.35
C ALA B 484 -23.35 -0.85 10.13
N GLY B 485 -23.52 0.46 9.90
CA GLY B 485 -22.40 1.34 9.68
C GLY B 485 -21.97 1.50 8.24
N THR B 486 -22.71 0.93 7.29
CA THR B 486 -22.38 1.00 5.88
C THR B 486 -23.63 1.37 5.08
N LYS B 487 -23.48 2.26 4.12
CA LYS B 487 -24.59 2.67 3.28
C LYS B 487 -24.93 1.59 2.26
N TYR B 488 -26.19 1.56 1.84
CA TYR B 488 -26.65 0.57 0.87
C TYR B 488 -26.30 1.01 -0.55
N ARG B 489 -26.48 0.08 -1.47
CA ARG B 489 -26.25 0.37 -2.88
C ARG B 489 -27.26 1.39 -3.39
N HIS B 490 -26.77 2.42 -4.09
CA HIS B 490 -27.61 3.51 -4.54
C HIS B 490 -28.40 3.08 -5.77
N CYS B 491 -29.71 2.88 -5.60
CA CYS B 491 -30.62 2.57 -6.68
C CYS B 491 -31.80 3.51 -6.63
N ASP B 492 -32.24 3.97 -7.79
CA ASP B 492 -33.34 4.93 -7.88
C ASP B 492 -34.38 4.45 -8.88
N LEU B 493 -35.63 4.83 -8.62
CA LEU B 493 -36.75 4.49 -9.49
C LEU B 493 -37.00 5.64 -10.46
N ASP B 494 -37.13 5.31 -11.75
CA ASP B 494 -37.30 6.32 -12.78
C ASP B 494 -38.14 5.76 -13.91
N THR B 495 -38.83 6.65 -14.60
CA THR B 495 -39.64 6.31 -15.76
C THR B 495 -39.04 6.98 -16.99
N THR B 496 -38.95 6.23 -18.10
CA THR B 496 -38.34 6.76 -19.32
C THR B 496 -39.41 7.37 -20.24
N LEU B 497 -40.30 6.55 -20.75
CA LEU B 497 -41.45 7.07 -21.49
C LEU B 497 -42.77 6.49 -21.04
N TYR B 498 -42.84 5.19 -20.76
CA TYR B 498 -44.04 4.57 -20.24
C TYR B 498 -43.77 3.47 -19.24
N VAL B 499 -42.52 3.21 -18.87
CA VAL B 499 -42.18 2.16 -17.93
C VAL B 499 -42.12 2.78 -16.53
N LYS B 500 -43.12 2.47 -15.70
CA LYS B 500 -43.22 3.05 -14.38
C LYS B 500 -42.18 2.50 -13.42
N ASN B 501 -42.05 1.17 -13.34
CA ASN B 501 -41.13 0.53 -12.40
C ASN B 501 -39.87 0.12 -13.15
N TRP B 502 -38.93 1.06 -13.25
CA TRP B 502 -37.62 0.82 -13.83
C TRP B 502 -36.58 1.36 -12.86
N CYS B 503 -35.86 0.45 -12.21
CA CYS B 503 -34.91 0.80 -11.16
C CYS B 503 -33.49 0.79 -11.73
N ARG B 504 -32.80 1.92 -11.59
CA ARG B 504 -31.43 2.07 -12.07
C ARG B 504 -30.48 2.08 -10.88
N CYS B 505 -29.38 1.33 -10.99
CA CYS B 505 -28.38 1.26 -9.94
C CYS B 505 -27.02 1.68 -10.52
N SER B 506 -25.99 1.58 -9.68
CA SER B 506 -24.65 2.00 -10.04
C SER B 506 -23.76 0.79 -10.32
N CYS B 507 -22.56 1.08 -10.83
CA CYS B 507 -21.56 0.07 -11.16
C CYS B 507 -22.10 -0.94 -12.17
N LEU B 508 -22.45 -0.43 -13.35
CA LEU B 508 -22.97 -1.24 -14.44
C LEU B 508 -22.10 -1.09 -15.69
N PRO B 509 -21.81 -2.18 -16.41
CA PRO B 509 -22.20 -3.55 -16.07
C PRO B 509 -21.32 -4.16 -14.98
N ASP B 510 -20.03 -3.81 -14.99
CA ASP B 510 -19.06 -4.30 -14.03
C ASP B 510 -18.10 -3.17 -13.71
N PRO B 511 -17.49 -3.18 -12.52
CA PRO B 511 -16.55 -2.11 -12.16
C PRO B 511 -15.33 -2.03 -13.05
N ILE B 512 -14.94 -3.14 -13.68
CA ILE B 512 -13.78 -3.13 -14.57
C ILE B 512 -14.08 -2.29 -15.81
N SER B 513 -15.19 -2.57 -16.48
CA SER B 513 -15.63 -1.81 -17.65
C SER B 513 -16.99 -1.20 -17.34
N THR B 514 -16.98 -0.02 -16.72
CA THR B 514 -18.19 0.68 -16.33
C THR B 514 -18.37 1.93 -17.19
N TYR B 515 -19.62 2.35 -17.35
CA TYR B 515 -19.91 3.52 -18.17
C TYR B 515 -19.74 4.82 -17.39
N SER B 516 -19.93 4.79 -16.07
CA SER B 516 -19.82 5.98 -15.22
C SER B 516 -18.90 5.66 -14.05
N PRO B 517 -17.59 5.85 -14.22
CA PRO B 517 -16.67 5.59 -13.10
C PRO B 517 -16.83 6.56 -11.95
N ASN B 518 -17.45 7.72 -12.17
CA ASN B 518 -17.58 8.72 -11.12
C ASN B 518 -18.74 8.44 -10.17
N THR B 519 -19.66 7.54 -10.54
CA THR B 519 -20.81 7.22 -9.70
C THR B 519 -20.69 5.89 -8.98
N CYS B 520 -19.65 5.10 -9.30
CA CYS B 520 -19.46 3.81 -8.66
C CYS B 520 -18.47 3.96 -7.51
N PRO B 521 -18.78 3.47 -6.31
CA PRO B 521 -17.84 3.63 -5.19
C PRO B 521 -16.53 2.87 -5.38
N GLN B 522 -16.56 1.75 -6.10
CA GLN B 522 -15.35 1.00 -6.39
C GLN B 522 -14.52 1.76 -7.42
N LYS B 523 -13.35 2.23 -7.02
CA LYS B 523 -12.50 3.06 -7.88
C LYS B 523 -11.16 2.37 -8.09
N LYS B 524 -10.64 2.48 -9.31
CA LYS B 524 -9.36 1.87 -9.65
C LYS B 524 -8.22 2.62 -8.97
N VAL B 525 -7.20 1.89 -8.55
CA VAL B 525 -6.03 2.46 -7.88
C VAL B 525 -4.81 1.66 -8.29
N VAL B 526 -3.65 2.30 -8.19
CA VAL B 526 -2.36 1.69 -8.51
C VAL B 526 -1.57 1.54 -7.22
N VAL B 527 -0.99 0.36 -7.01
CA VAL B 527 -0.24 0.09 -5.80
C VAL B 527 1.02 0.95 -5.75
N GLY B 528 1.43 1.33 -4.56
CA GLY B 528 2.60 2.15 -4.36
C GLY B 528 3.80 1.34 -3.89
N ILE B 529 4.77 2.04 -3.32
CA ILE B 529 5.98 1.40 -2.83
C ILE B 529 5.68 0.69 -1.52
N GLY B 530 5.77 -0.63 -1.52
CA GLY B 530 5.53 -1.40 -0.32
C GLY B 530 4.08 -1.56 0.07
N GLU B 531 3.17 -1.62 -0.90
CA GLU B 531 1.75 -1.76 -0.64
C GLU B 531 1.19 -2.95 -1.41
N HIS B 532 0.24 -3.64 -0.79
CA HIS B 532 -0.49 -4.72 -1.45
C HIS B 532 -1.70 -4.13 -2.19
N CYS B 533 -2.44 -4.99 -2.86
CA CYS B 533 -3.69 -4.57 -3.50
C CYS B 533 -4.79 -4.49 -2.46
N PRO B 534 -5.42 -3.32 -2.26
CA PRO B 534 -6.50 -3.24 -1.26
C PRO B 534 -7.64 -4.22 -1.49
N GLY B 535 -7.94 -4.56 -2.73
CA GLY B 535 -9.00 -5.52 -2.99
C GLY B 535 -9.31 -5.60 -4.46
N LEU B 536 -10.06 -6.65 -4.81
CA LEU B 536 -10.47 -6.92 -6.18
C LEU B 536 -11.90 -6.46 -6.39
N GLY B 537 -12.28 -6.31 -7.66
CA GLY B 537 -13.62 -5.86 -7.98
C GLY B 537 -14.66 -6.93 -7.71
N ILE B 538 -15.84 -6.48 -7.32
CA ILE B 538 -16.97 -7.36 -7.00
C ILE B 538 -18.14 -6.98 -7.89
N ASN B 539 -18.70 -7.96 -8.59
CA ASN B 539 -19.87 -7.75 -9.43
C ASN B 539 -21.09 -7.64 -8.52
N GLU B 540 -21.62 -6.42 -8.39
CA GLU B 540 -22.73 -6.19 -7.47
C GLU B 540 -24.04 -6.83 -7.92
N GLU B 541 -24.10 -7.30 -9.18
CA GLU B 541 -25.31 -7.93 -9.68
C GLU B 541 -25.45 -9.39 -9.25
N LYS B 542 -24.41 -9.98 -8.67
CA LYS B 542 -24.45 -11.38 -8.24
C LYS B 542 -24.33 -11.55 -6.74
N CYS B 543 -24.34 -10.46 -5.97
CA CYS B 543 -24.28 -10.54 -4.52
C CYS B 543 -25.68 -10.74 -3.95
N GLY B 544 -25.74 -10.92 -2.64
CA GLY B 544 -27.00 -11.12 -1.95
C GLY B 544 -27.66 -12.45 -2.27
N SER B 550 -31.06 -12.60 4.74
CA SER B 550 -29.91 -12.85 5.60
C SER B 550 -28.78 -11.87 5.32
N SER B 551 -27.57 -12.23 5.71
CA SER B 551 -26.42 -11.37 5.48
C SER B 551 -26.04 -11.37 4.00
N CYS B 552 -25.47 -10.25 3.56
CA CYS B 552 -25.08 -10.10 2.17
C CYS B 552 -23.84 -10.95 1.88
N PHE B 553 -24.05 -12.10 1.23
CA PHE B 553 -22.98 -13.04 0.91
C PHE B 553 -22.87 -13.11 -0.61
N CYS B 554 -21.77 -12.60 -1.15
CA CYS B 554 -21.55 -12.60 -2.59
C CYS B 554 -21.10 -13.98 -3.06
N SER B 555 -21.53 -14.36 -4.26
CA SER B 555 -21.13 -15.63 -4.83
C SER B 555 -19.64 -15.61 -5.16
N PRO B 556 -18.96 -16.75 -5.04
CA PRO B 556 -17.53 -16.79 -5.38
C PRO B 556 -17.24 -16.49 -6.83
N ASP B 557 -18.21 -16.63 -7.72
CA ASP B 557 -18.04 -16.31 -9.14
C ASP B 557 -18.28 -14.83 -9.43
N ALA B 558 -18.47 -14.00 -8.41
CA ALA B 558 -18.74 -12.57 -8.58
C ALA B 558 -17.51 -11.72 -8.35
N PHE B 559 -16.32 -12.32 -8.29
CA PHE B 559 -15.07 -11.59 -8.11
C PHE B 559 -14.31 -11.57 -9.44
N LEU B 560 -14.00 -10.37 -9.91
CA LEU B 560 -13.36 -10.19 -11.22
C LEU B 560 -12.05 -9.42 -11.05
N GLY B 561 -11.10 -9.70 -11.93
CA GLY B 561 -9.84 -8.98 -11.93
C GLY B 561 -8.66 -9.81 -11.46
N TRP B 562 -8.72 -11.13 -11.68
CA TRP B 562 -7.64 -12.01 -11.28
C TRP B 562 -7.46 -13.12 -12.31
N SER B 563 -6.22 -13.54 -12.50
CA SER B 563 -5.88 -14.61 -13.43
C SER B 563 -4.80 -15.47 -12.79
N PHE B 564 -4.42 -16.55 -13.48
CA PHE B 564 -3.43 -17.47 -12.95
C PHE B 564 -2.64 -18.08 -14.10
N ASP B 565 -1.46 -18.60 -13.75
CA ASP B 565 -0.59 -19.28 -14.69
C ASP B 565 0.41 -20.11 -13.91
N SER B 566 0.96 -21.12 -14.57
CA SER B 566 1.92 -22.01 -13.94
C SER B 566 3.28 -21.33 -13.82
N CYS B 567 4.15 -21.96 -13.02
CA CYS B 567 5.51 -21.46 -12.81
C CYS B 567 6.55 -22.55 -13.02
N ILE B 568 6.22 -23.58 -13.78
CA ILE B 568 7.12 -24.71 -14.00
C ILE B 568 7.93 -24.46 -15.27
N SER B 569 9.25 -24.38 -15.11
CA SER B 569 10.17 -24.24 -16.25
C SER B 569 11.34 -25.17 -16.02
N ASN B 570 11.52 -26.12 -16.94
CA ASN B 570 12.54 -27.16 -16.82
C ASN B 570 12.39 -27.93 -15.52
N ASN B 571 11.14 -28.29 -15.20
CA ASN B 571 10.80 -29.06 -14.01
C ASN B 571 11.21 -28.35 -12.72
N ARG B 572 11.26 -27.02 -12.75
CA ARG B 572 11.61 -26.23 -11.59
C ARG B 572 10.72 -25.00 -11.52
N CYS B 573 10.59 -24.44 -10.33
CA CYS B 573 9.75 -23.27 -10.09
C CYS B 573 10.63 -22.03 -9.98
N ASN B 574 10.24 -20.96 -10.67
CA ASN B 574 10.99 -19.71 -10.65
C ASN B 574 10.41 -18.76 -9.61
N ILE B 575 11.29 -18.11 -8.86
CA ILE B 575 10.90 -17.18 -7.81
C ILE B 575 11.72 -15.90 -7.96
N PHE B 576 11.06 -14.76 -7.78
CA PHE B 576 11.70 -13.46 -7.84
C PHE B 576 12.08 -13.00 -6.43
N SER B 577 13.23 -12.34 -6.31
CA SER B 577 13.71 -11.83 -5.03
C SER B 577 14.27 -10.42 -5.23
N ASN B 578 13.96 -9.53 -4.30
CA ASN B 578 14.41 -8.15 -4.34
C ASN B 578 15.09 -7.80 -3.02
N PHE B 579 16.35 -7.37 -3.10
CA PHE B 579 17.13 -6.98 -1.95
C PHE B 579 17.24 -5.47 -1.90
N ILE B 580 16.82 -4.87 -0.78
CA ILE B 580 16.90 -3.43 -0.57
C ILE B 580 17.83 -3.16 0.60
N PHE B 581 18.87 -2.36 0.35
CA PHE B 581 19.87 -2.03 1.36
C PHE B 581 19.55 -0.67 1.95
N ASN B 582 19.33 -0.62 3.26
CA ASN B 582 18.96 0.60 3.96
C ASN B 582 20.18 1.12 4.71
N GLY B 583 20.86 2.11 4.11
CA GLY B 583 22.01 2.73 4.74
C GLY B 583 23.30 2.01 4.43
N ILE B 584 24.27 2.74 3.86
CA ILE B 584 25.56 2.17 3.51
C ILE B 584 26.63 2.80 4.39
N ASN B 585 27.71 2.06 4.62
CA ASN B 585 28.84 2.51 5.43
C ASN B 585 28.42 2.81 6.87
N SER B 586 27.43 2.08 7.37
CA SER B 586 26.95 2.27 8.73
C SER B 586 26.32 0.96 9.20
N GLY B 587 25.87 0.95 10.46
CA GLY B 587 25.22 -0.20 11.02
C GLY B 587 26.20 -1.31 11.39
N THR B 588 25.62 -2.47 11.72
CA THR B 588 26.40 -3.63 12.14
C THR B 588 26.18 -4.84 11.25
N THR B 589 25.38 -4.71 10.19
CA THR B 589 25.18 -5.80 9.24
C THR B 589 26.25 -5.72 8.16
N CYS B 590 27.33 -6.47 8.35
CA CYS B 590 28.48 -6.42 7.46
C CYS B 590 28.64 -7.74 6.73
N SER B 591 29.59 -7.77 5.80
CA SER B 591 29.89 -8.94 5.00
C SER B 591 31.20 -9.57 5.46
N ASN B 592 31.27 -10.90 5.36
CA ASN B 592 32.45 -11.65 5.78
C ASN B 592 33.27 -12.16 4.60
N ASP B 593 33.12 -11.56 3.41
CA ASP B 593 33.82 -12.09 2.24
C ASP B 593 35.31 -11.73 2.27
N LEU B 594 35.64 -10.52 2.73
CA LEU B 594 37.02 -10.08 2.69
C LEU B 594 37.87 -10.74 3.78
N LEU B 595 37.33 -10.89 4.99
CA LEU B 595 38.09 -11.45 6.09
C LEU B 595 38.15 -12.97 6.07
N TYR B 596 37.29 -13.63 5.31
CA TYR B 596 37.29 -15.09 5.18
C TYR B 596 37.75 -15.53 3.79
N SER B 597 38.76 -14.86 3.23
CA SER B 597 39.21 -15.16 1.88
C SER B 597 39.86 -16.53 1.80
N ASN B 598 40.95 -16.73 2.54
CA ASN B 598 41.70 -17.97 2.51
C ASN B 598 41.37 -18.89 3.67
N THR B 599 41.62 -18.44 4.90
CA THR B 599 41.38 -19.21 6.12
C THR B 599 42.02 -20.59 6.04
N GLU B 600 43.34 -20.58 5.88
CA GLU B 600 44.12 -21.82 5.83
C GLU B 600 45.50 -21.56 6.41
N ILE B 601 45.86 -22.31 7.44
CA ILE B 601 47.13 -22.15 8.13
C ILE B 601 48.07 -23.24 7.64
N SER B 602 49.16 -22.84 7.00
CA SER B 602 50.16 -23.78 6.49
C SER B 602 51.19 -24.04 7.57
N THR B 603 51.37 -25.31 7.92
CA THR B 603 52.34 -25.70 8.95
C THR B 603 53.77 -25.50 8.46
N VAL B 607 55.25 -15.96 9.44
CA VAL B 607 53.97 -15.53 8.87
C VAL B 607 53.25 -14.61 9.85
N ASN B 608 52.81 -13.46 9.34
CA ASN B 608 52.07 -12.52 10.17
C ASN B 608 50.72 -13.10 10.55
N TYR B 609 50.36 -13.00 11.82
CA TYR B 609 49.12 -13.53 12.34
C TYR B 609 48.42 -12.50 13.20
N ASP B 610 47.10 -12.46 13.09
CA ASP B 610 46.23 -11.65 13.95
C ASP B 610 45.27 -12.63 14.62
N LEU B 611 45.70 -13.19 15.74
CA LEU B 611 44.94 -14.24 16.44
C LEU B 611 44.25 -13.64 17.65
N TYR B 612 42.95 -13.37 17.50
CA TYR B 612 42.11 -12.89 18.60
C TYR B 612 42.65 -11.59 19.20
N GLY B 613 43.18 -10.72 18.34
CA GLY B 613 43.69 -9.44 18.76
C GLY B 613 45.20 -9.38 18.97
N ILE B 614 45.88 -10.52 18.96
CA ILE B 614 47.33 -10.57 19.16
C ILE B 614 48.00 -10.60 17.79
N THR B 615 48.93 -9.67 17.58
CA THR B 615 49.63 -9.53 16.31
C THR B 615 51.10 -9.87 16.48
N GLY B 616 51.68 -10.46 15.44
CA GLY B 616 53.07 -10.83 15.47
C GLY B 616 53.43 -11.72 14.29
N GLN B 617 54.54 -12.44 14.43
CA GLN B 617 55.02 -13.35 13.40
C GLN B 617 55.63 -14.58 14.05
N GLY B 618 55.56 -15.70 13.36
CA GLY B 618 56.13 -16.93 13.88
C GLY B 618 55.83 -18.10 12.98
N ILE B 619 55.97 -19.30 13.54
CA ILE B 619 55.73 -20.55 12.82
C ILE B 619 54.69 -21.37 13.58
N PHE B 620 54.21 -22.42 12.93
CA PHE B 620 53.19 -23.29 13.50
C PHE B 620 53.55 -24.74 13.26
N LYS B 621 52.96 -25.63 14.05
CA LYS B 621 53.21 -27.07 13.94
C LYS B 621 51.99 -27.81 14.47
N GLU B 622 51.75 -28.99 13.89
CA GLU B 622 50.62 -29.83 14.27
C GLU B 622 51.00 -30.64 15.49
N VAL B 623 50.48 -30.27 16.66
CA VAL B 623 50.73 -30.97 17.90
C VAL B 623 49.40 -31.37 18.52
N SER B 624 49.45 -32.30 19.46
CA SER B 624 48.27 -32.75 20.19
C SER B 624 48.22 -32.05 21.54
N ALA B 625 47.23 -31.19 21.72
CA ALA B 625 47.05 -30.43 22.95
C ALA B 625 45.65 -30.68 23.50
N ALA B 626 45.58 -30.99 24.80
CA ALA B 626 44.31 -31.24 25.45
C ALA B 626 44.07 -30.33 26.65
N TYR B 627 44.88 -29.29 26.81
CA TYR B 627 44.74 -28.36 27.92
C TYR B 627 43.93 -27.12 27.57
N TYR B 628 43.24 -27.14 26.42
CA TYR B 628 42.39 -26.03 26.02
C TYR B 628 40.95 -26.30 26.45
N ASN B 629 40.35 -25.34 27.15
CA ASN B 629 38.97 -25.45 27.58
C ASN B 629 38.05 -24.84 26.52
N ASN B 630 36.78 -24.66 26.86
CA ASN B 630 35.82 -24.14 25.88
C ASN B 630 36.04 -22.65 25.64
N TRP B 631 36.52 -21.93 26.64
CA TRP B 631 36.73 -20.49 26.53
C TRP B 631 38.18 -20.12 26.25
N GLN B 632 39.09 -21.08 26.23
CA GLN B 632 40.51 -20.81 26.07
C GLN B 632 40.94 -21.08 24.63
N ASN B 633 41.68 -20.13 24.06
CA ASN B 633 42.18 -20.25 22.69
C ASN B 633 43.66 -19.92 22.54
N LEU B 634 44.29 -19.27 23.51
CA LEU B 634 45.69 -18.88 23.41
C LEU B 634 46.48 -19.53 24.54
N LEU B 635 47.76 -19.82 24.27
CA LEU B 635 48.66 -20.42 25.24
C LEU B 635 49.77 -19.42 25.56
N TYR B 636 49.91 -19.08 26.84
CA TYR B 636 50.90 -18.12 27.29
C TYR B 636 51.82 -18.75 28.34
N ASP B 637 53.03 -18.23 28.42
CA ASP B 637 53.98 -18.63 29.45
C ASP B 637 54.06 -17.58 30.54
N SER B 638 54.86 -17.87 31.56
CA SER B 638 54.98 -16.96 32.70
C SER B 638 55.62 -15.64 32.29
N ASN B 639 56.48 -15.66 31.27
CA ASN B 639 57.16 -14.44 30.83
C ASN B 639 56.23 -13.47 30.11
N GLY B 640 55.07 -13.94 29.65
CA GLY B 640 54.13 -13.08 28.96
C GLY B 640 54.04 -13.27 27.45
N ASN B 641 54.78 -14.21 26.89
CA ASN B 641 54.76 -14.47 25.47
C ASN B 641 53.71 -15.52 25.12
N ILE B 642 53.48 -15.70 23.82
CA ILE B 642 52.53 -16.67 23.31
C ILE B 642 53.32 -17.81 22.66
N ILE B 643 52.97 -19.04 23.00
CA ILE B 643 53.71 -20.21 22.50
C ILE B 643 52.75 -21.23 21.91
N GLY B 644 51.51 -20.81 21.67
CA GLY B 644 50.53 -21.72 21.09
C GLY B 644 49.12 -21.18 21.06
N PHE B 645 48.27 -21.76 20.22
CA PHE B 645 46.89 -21.33 20.12
C PHE B 645 46.05 -22.49 19.59
N LYS B 646 44.73 -22.32 19.69
CA LYS B 646 43.77 -23.29 19.20
C LYS B 646 42.88 -22.66 18.14
N ASP B 647 42.65 -23.40 17.06
CA ASP B 647 41.84 -22.92 15.95
C ASP B 647 40.39 -23.31 16.18
N PHE B 648 39.51 -22.31 16.26
CA PHE B 648 38.08 -22.57 16.49
C PHE B 648 37.35 -22.97 15.22
N LEU B 649 38.01 -22.96 14.07
CA LEU B 649 37.38 -23.37 12.82
C LEU B 649 37.66 -24.83 12.48
N THR B 650 38.84 -25.34 12.81
CA THR B 650 39.23 -26.71 12.48
C THR B 650 39.49 -27.57 13.70
N ASN B 651 39.40 -27.01 14.91
CA ASN B 651 39.62 -27.75 16.16
C ASN B 651 41.02 -28.38 16.19
N LYS B 652 42.01 -27.65 15.67
CA LYS B 652 43.39 -28.09 15.68
C LYS B 652 44.26 -27.09 16.43
N THR B 653 45.23 -27.60 17.17
CA THR B 653 46.09 -26.77 18.02
C THR B 653 47.48 -26.69 17.39
N TYR B 654 48.06 -25.50 17.45
CA TYR B 654 49.39 -25.24 16.90
C TYR B 654 50.31 -24.69 17.98
N THR B 655 51.61 -24.85 17.77
CA THR B 655 52.64 -24.32 18.66
C THR B 655 53.43 -23.24 17.94
N ILE B 656 53.65 -22.12 18.63
CA ILE B 656 54.38 -21.01 18.05
C ILE B 656 55.78 -20.93 18.64
N VAL C 41 -31.78 16.54 -58.60
CA VAL C 41 -32.84 16.18 -57.67
C VAL C 41 -32.27 15.99 -56.26
N ARG C 42 -31.25 15.13 -56.16
CA ARG C 42 -30.64 14.84 -54.88
C ARG C 42 -29.34 15.63 -54.72
N LEU C 43 -28.61 15.34 -53.65
CA LEU C 43 -27.34 15.98 -53.36
C LEU C 43 -26.54 15.08 -52.44
N TYR C 44 -25.28 14.85 -52.76
CA TYR C 44 -24.46 13.88 -52.06
C TYR C 44 -23.14 14.51 -51.63
N GLY C 45 -22.61 14.03 -50.50
CA GLY C 45 -21.32 14.45 -50.03
C GLY C 45 -21.35 15.77 -49.30
N PRO C 46 -20.29 16.06 -48.52
CA PRO C 46 -20.19 17.38 -47.88
C PRO C 46 -20.18 18.51 -48.89
N ASN C 47 -19.41 18.37 -49.96
CA ASN C 47 -19.45 19.33 -51.05
C ASN C 47 -20.74 19.15 -51.85
N PHE C 48 -21.14 20.21 -52.53
CA PHE C 48 -22.41 20.21 -53.26
C PHE C 48 -22.19 19.58 -54.65
N ILE C 49 -22.84 18.45 -54.89
CA ILE C 49 -22.77 17.76 -56.17
C ILE C 49 -24.18 17.34 -56.55
N LEU C 50 -24.62 17.74 -57.75
CA LEU C 50 -25.95 17.42 -58.22
C LEU C 50 -26.00 15.98 -58.73
N GLN C 51 -26.87 15.17 -58.13
CA GLN C 51 -27.03 13.78 -58.53
C GLN C 51 -28.51 13.43 -58.52
N VAL C 52 -28.86 12.41 -59.30
CA VAL C 52 -30.23 11.91 -59.35
C VAL C 52 -30.25 10.46 -58.90
N TYR C 53 -29.58 9.59 -59.65
CA TYR C 53 -29.46 8.19 -59.27
C TYR C 53 -28.06 7.64 -59.56
N SER C 54 -27.09 8.51 -59.83
CA SER C 54 -25.74 8.06 -60.14
C SER C 54 -24.72 9.15 -59.80
N ASN C 71 -25.06 26.79 -66.04
CA ASN C 71 -26.18 26.23 -66.77
C ASN C 71 -27.51 26.81 -66.30
N TYR C 72 -28.33 25.97 -65.66
CA TYR C 72 -29.62 26.43 -65.15
C TYR C 72 -29.46 27.38 -63.97
N GLY C 73 -28.67 26.98 -62.98
CA GLY C 73 -28.44 27.80 -61.81
C GLY C 73 -29.66 27.94 -60.94
N ARG C 74 -30.25 29.14 -60.92
CA ARG C 74 -31.46 29.37 -60.13
C ARG C 74 -32.61 28.49 -60.60
N ALA C 75 -32.70 28.25 -61.90
CA ALA C 75 -33.73 27.38 -62.46
C ALA C 75 -33.56 25.95 -61.97
N ALA C 76 -32.31 25.54 -61.73
CA ALA C 76 -32.05 24.19 -61.23
C ALA C 76 -32.57 24.02 -59.81
N CYS C 77 -32.24 24.95 -58.92
CA CYS C 77 -32.75 24.87 -57.55
C CYS C 77 -34.24 25.21 -57.49
N ARG C 78 -34.78 25.81 -58.55
CA ARG C 78 -36.18 26.23 -58.54
C ARG C 78 -37.11 25.05 -58.34
N ASP C 79 -37.11 24.10 -59.27
CA ASP C 79 -37.93 22.90 -59.12
C ASP C 79 -37.13 21.78 -58.44
N MET C 80 -36.53 22.11 -57.30
CA MET C 80 -35.77 21.15 -56.51
C MET C 80 -35.82 21.46 -55.03
N GLY C 81 -36.78 22.28 -54.60
CA GLY C 81 -36.79 22.77 -53.23
C GLY C 81 -36.96 24.27 -53.16
N TYR C 82 -35.93 24.96 -52.65
CA TYR C 82 -35.99 26.41 -52.50
C TYR C 82 -36.22 27.08 -53.84
N LYS C 83 -37.37 27.76 -53.97
CA LYS C 83 -37.79 28.30 -55.26
C LYS C 83 -37.19 29.67 -55.56
N ASN C 84 -36.38 30.22 -54.66
CA ASN C 84 -35.81 31.54 -54.88
C ASN C 84 -34.46 31.63 -54.18
N ASN C 85 -33.95 32.85 -54.04
CA ASN C 85 -32.68 33.18 -53.39
C ASN C 85 -31.56 32.20 -53.71
N PHE C 86 -31.18 32.11 -54.98
CA PHE C 86 -30.04 31.28 -55.38
C PHE C 86 -28.76 32.06 -55.09
N TYR C 87 -27.79 31.38 -54.48
CA TYR C 87 -26.59 32.05 -53.99
C TYR C 87 -25.47 32.09 -55.03
N SER C 88 -24.99 30.93 -55.46
CA SER C 88 -23.87 30.85 -56.41
C SER C 88 -23.72 29.40 -56.85
N SER C 89 -22.68 29.15 -57.65
CA SER C 89 -22.38 27.82 -58.13
C SER C 89 -20.87 27.68 -58.23
N GLN C 90 -20.43 26.46 -58.56
CA GLN C 90 -19.01 26.17 -58.71
C GLN C 90 -18.85 25.08 -59.76
N GLY C 91 -17.66 24.49 -59.83
CA GLY C 91 -17.38 23.44 -60.78
C GLY C 91 -16.77 22.24 -60.12
N ILE C 92 -16.88 21.10 -60.79
CA ILE C 92 -16.34 19.85 -60.28
C ILE C 92 -15.99 18.92 -61.44
N SER C 130 -21.61 22.12 -59.07
CA SER C 130 -21.93 22.41 -57.67
C SER C 130 -23.08 23.42 -57.58
N LEU C 131 -24.10 23.07 -56.82
CA LEU C 131 -25.29 23.91 -56.65
C LEU C 131 -25.33 24.41 -55.21
N ARG C 132 -25.20 25.73 -55.05
CA ARG C 132 -25.32 26.38 -53.74
C ARG C 132 -26.60 27.20 -53.76
N CYS C 133 -27.70 26.57 -53.32
CA CYS C 133 -28.99 27.27 -53.29
C CYS C 133 -28.94 28.46 -52.33
N ILE C 134 -28.76 28.20 -51.03
CA ILE C 134 -28.78 29.25 -50.02
C ILE C 134 -27.45 29.25 -49.27
N ALA C 135 -27.15 30.38 -48.65
CA ALA C 135 -25.91 30.55 -47.90
C ALA C 135 -26.04 29.98 -46.50
N CYS C 136 -24.94 29.37 -46.03
CA CYS C 136 -24.91 28.72 -44.73
C CYS C 136 -23.50 28.83 -44.16
N GLY C 137 -23.33 28.30 -42.96
CA GLY C 137 -22.02 28.23 -42.34
C GLY C 137 -21.44 29.57 -41.92
N VAL C 138 -22.05 30.20 -40.93
CA VAL C 138 -21.57 31.47 -40.39
C VAL C 138 -21.28 31.30 -38.91
N ASN C 139 -20.10 31.74 -38.48
CA ASN C 139 -19.70 31.64 -37.08
C ASN C 139 -18.71 32.74 -36.76
N LEU C 140 -18.74 33.19 -35.52
CA LEU C 140 -17.85 34.25 -35.05
C LEU C 140 -16.58 33.67 -34.44
N ILE D 147 -29.71 23.44 -20.22
CA ILE D 147 -28.31 23.12 -20.45
C ILE D 147 -27.57 23.09 -19.13
N VAL D 148 -26.95 21.95 -18.82
CA VAL D 148 -26.19 21.75 -17.60
C VAL D 148 -24.73 21.59 -17.96
N GLY D 149 -23.85 22.23 -17.20
CA GLY D 149 -22.42 22.16 -17.45
C GLY D 149 -21.92 23.06 -18.57
N GLY D 150 -22.79 23.88 -19.16
CA GLY D 150 -22.41 24.78 -20.23
C GLY D 150 -22.13 26.18 -19.71
N GLU D 151 -22.00 27.10 -20.67
CA GLU D 151 -21.74 28.51 -20.38
C GLU D 151 -22.64 29.38 -21.23
N SER D 152 -22.90 30.59 -20.74
CA SER D 152 -23.73 31.53 -21.48
C SER D 152 -23.04 31.96 -22.76
N ALA D 153 -23.73 31.81 -23.88
CA ALA D 153 -23.16 32.13 -25.18
C ALA D 153 -23.14 33.63 -25.40
N LEU D 154 -21.96 34.15 -25.75
CA LEU D 154 -21.80 35.56 -26.06
C LEU D 154 -22.55 35.89 -27.33
N PRO D 155 -22.86 37.18 -27.57
CA PRO D 155 -23.55 37.55 -28.81
C PRO D 155 -22.66 37.37 -30.04
N GLY D 156 -22.26 36.14 -30.32
CA GLY D 156 -21.44 35.84 -31.47
C GLY D 156 -22.26 35.65 -32.73
N ALA D 157 -22.02 34.56 -33.45
CA ALA D 157 -22.75 34.25 -34.68
C ALA D 157 -23.28 32.82 -34.60
N TRP D 158 -24.46 32.68 -33.98
CA TRP D 158 -25.22 31.43 -33.98
C TRP D 158 -26.67 31.75 -34.29
N PRO D 159 -26.96 32.27 -35.50
CA PRO D 159 -28.28 32.82 -35.82
C PRO D 159 -29.26 31.78 -36.36
N TRP D 160 -29.37 30.64 -35.68
CA TRP D 160 -30.32 29.61 -36.09
C TRP D 160 -31.12 29.07 -34.91
N GLN D 161 -31.40 29.92 -33.92
CA GLN D 161 -32.24 29.54 -32.80
C GLN D 161 -33.40 30.53 -32.69
N VAL D 162 -34.62 30.01 -32.74
CA VAL D 162 -35.83 30.81 -32.69
C VAL D 162 -36.70 30.29 -31.56
N SER D 163 -37.10 31.18 -30.66
CA SER D 163 -37.94 30.82 -29.52
C SER D 163 -39.40 31.12 -29.84
N LEU D 164 -40.24 30.10 -29.68
CA LEU D 164 -41.67 30.22 -29.93
C LEU D 164 -42.39 30.55 -28.63
N HIS D 165 -43.27 31.54 -28.68
CA HIS D 165 -44.00 32.00 -27.51
C HIS D 165 -45.50 31.87 -27.75
N VAL D 166 -46.19 31.20 -26.85
CA VAL D 166 -47.65 31.14 -26.82
C VAL D 166 -48.12 31.66 -25.48
N GLN D 167 -49.12 32.54 -25.49
CA GLN D 167 -49.60 33.23 -24.30
C GLN D 167 -48.49 34.06 -23.66
N ASN D 168 -47.60 34.61 -24.49
CA ASN D 168 -46.55 35.54 -24.06
C ASN D 168 -45.55 34.89 -23.08
N VAL D 169 -45.33 33.59 -23.21
CA VAL D 169 -44.32 32.89 -22.43
C VAL D 169 -43.58 31.91 -23.33
N HIS D 170 -42.29 31.73 -23.07
CA HIS D 170 -41.49 30.82 -23.87
C HIS D 170 -41.82 29.37 -23.52
N VAL D 171 -41.99 28.54 -24.55
CA VAL D 171 -42.35 27.15 -24.36
C VAL D 171 -41.34 26.25 -25.09
N CYS D 172 -41.16 26.48 -26.38
CA CYS D 172 -40.30 25.63 -27.19
C CYS D 172 -39.44 26.48 -28.11
N GLY D 173 -38.28 25.94 -28.48
CA GLY D 173 -37.37 26.60 -29.39
C GLY D 173 -37.59 26.15 -30.82
N GLY D 174 -36.60 26.44 -31.66
CA GLY D 174 -36.68 26.06 -33.05
C GLY D 174 -35.43 26.50 -33.80
N SER D 175 -35.39 26.11 -35.07
CA SER D 175 -34.28 26.45 -35.95
C SER D 175 -34.83 26.86 -37.32
N ILE D 176 -34.12 27.74 -37.99
CA ILE D 176 -34.50 28.26 -39.30
C ILE D 176 -33.55 27.70 -40.35
N ILE D 177 -34.12 27.25 -41.47
CA ILE D 177 -33.35 26.76 -42.60
C ILE D 177 -33.51 27.66 -43.82
N THR D 178 -34.70 28.22 -44.01
CA THR D 178 -35.00 29.21 -45.04
C THR D 178 -35.84 30.30 -44.39
N PRO D 179 -35.84 31.51 -44.97
CA PRO D 179 -36.64 32.58 -44.36
C PRO D 179 -38.12 32.46 -44.70
N GLU D 180 -38.63 31.23 -44.68
CA GLU D 180 -40.06 31.01 -44.73
C GLU D 180 -40.51 29.82 -43.89
N TRP D 181 -39.61 29.16 -43.17
CA TRP D 181 -39.94 27.93 -42.45
C TRP D 181 -39.07 27.80 -41.21
N ILE D 182 -39.65 27.24 -40.16
CA ILE D 182 -38.95 26.99 -38.90
C ILE D 182 -39.13 25.52 -38.53
N VAL D 183 -38.04 24.88 -38.13
CA VAL D 183 -38.04 23.46 -37.76
C VAL D 183 -38.14 23.36 -36.25
N THR D 184 -39.05 22.51 -35.77
CA THR D 184 -39.25 22.33 -34.34
C THR D 184 -39.83 20.95 -34.09
N ALA D 185 -39.95 20.60 -32.81
CA ALA D 185 -40.48 19.30 -32.43
C ALA D 185 -42.00 19.28 -32.57
N ALA D 186 -42.55 18.07 -32.71
CA ALA D 186 -43.99 17.93 -32.90
C ALA D 186 -44.73 17.66 -31.60
N HIS D 187 -44.04 17.28 -30.53
CA HIS D 187 -44.72 17.00 -29.27
C HIS D 187 -45.17 18.28 -28.56
N CYS D 188 -44.66 19.44 -28.97
CA CYS D 188 -45.09 20.71 -28.41
C CYS D 188 -46.17 21.38 -29.26
N VAL D 189 -46.56 20.77 -30.38
CA VAL D 189 -47.58 21.34 -31.26
C VAL D 189 -48.75 20.36 -31.34
N GLU D 190 -49.06 19.72 -30.22
CA GLU D 190 -50.14 18.74 -30.18
C GLU D 190 -51.49 19.41 -30.42
N LYS D 191 -52.53 18.57 -30.41
CA LYS D 191 -53.91 19.04 -30.65
C LYS D 191 -54.33 20.24 -29.82
N PRO D 192 -54.01 20.34 -28.51
CA PRO D 192 -54.34 21.58 -27.79
C PRO D 192 -53.60 22.79 -28.32
N LEU D 193 -52.46 22.60 -28.98
CA LEU D 193 -51.67 23.69 -29.53
C LEU D 193 -51.97 23.95 -31.01
N ASN D 194 -53.20 23.72 -31.43
CA ASN D 194 -53.61 24.00 -32.81
C ASN D 194 -53.84 25.49 -32.98
N ASN D 195 -54.45 25.89 -34.10
CA ASN D 195 -54.73 27.29 -34.41
C ASN D 195 -53.42 28.08 -34.42
N PRO D 196 -52.59 27.94 -35.46
CA PRO D 196 -51.26 28.58 -35.45
C PRO D 196 -51.29 30.10 -35.30
N TRP D 197 -52.48 30.70 -35.30
CA TRP D 197 -52.59 32.14 -35.08
C TRP D 197 -52.09 32.52 -33.70
N HIS D 198 -52.15 31.60 -32.74
CA HIS D 198 -51.67 31.87 -31.38
C HIS D 198 -50.22 31.45 -31.20
N TRP D 199 -49.36 31.94 -32.09
CA TRP D 199 -47.94 31.64 -32.04
C TRP D 199 -47.15 32.84 -32.53
N THR D 200 -46.02 33.09 -31.88
CA THR D 200 -45.13 34.17 -32.30
C THR D 200 -43.69 33.70 -32.16
N ALA D 201 -42.80 34.30 -32.95
CA ALA D 201 -41.41 33.89 -33.02
C ALA D 201 -40.51 35.10 -32.81
N PHE D 202 -39.39 34.89 -32.10
CA PHE D 202 -38.39 35.91 -31.87
C PHE D 202 -37.06 35.48 -32.48
N ALA D 203 -36.22 36.46 -32.78
CA ALA D 203 -34.92 36.19 -33.38
C ALA D 203 -33.96 37.30 -32.98
N GLY D 204 -32.68 36.95 -32.91
CA GLY D 204 -31.66 37.91 -32.51
C GLY D 204 -31.80 38.41 -31.11
N ILE D 205 -32.35 37.59 -30.21
CA ILE D 205 -32.58 37.99 -28.82
C ILE D 205 -31.95 36.97 -27.89
N LEU D 206 -30.89 37.37 -27.18
CA LEU D 206 -30.23 36.45 -26.27
C LEU D 206 -30.93 36.40 -24.91
N ARG D 207 -31.07 37.54 -24.25
CA ARG D 207 -31.75 37.64 -22.96
C ARG D 207 -33.24 37.73 -23.21
N GLN D 208 -34.01 36.83 -22.60
CA GLN D 208 -35.41 36.65 -22.97
C GLN D 208 -36.30 37.74 -22.36
N SER D 209 -35.96 39.01 -22.59
CA SER D 209 -36.86 40.11 -22.25
C SER D 209 -36.58 41.24 -23.24
N PHE D 210 -37.31 41.25 -24.35
CA PHE D 210 -37.17 42.32 -25.33
C PHE D 210 -38.47 42.79 -25.96
N MET D 211 -39.61 42.18 -25.64
CA MET D 211 -40.87 42.56 -26.26
C MET D 211 -42.01 41.89 -25.50
N PHE D 212 -43.23 42.35 -25.79
CA PHE D 212 -44.43 41.79 -25.18
C PHE D 212 -45.61 42.14 -26.07
N TYR D 213 -46.24 41.13 -26.65
CA TYR D 213 -47.38 41.31 -27.57
C TYR D 213 -47.01 42.23 -28.73
N GLY D 214 -45.77 42.12 -29.21
CA GLY D 214 -45.31 42.95 -30.31
C GLY D 214 -43.88 42.61 -30.66
N ALA D 215 -43.41 43.22 -31.74
CA ALA D 215 -42.04 43.02 -32.24
C ALA D 215 -41.76 41.54 -32.49
N GLY D 216 -42.77 40.83 -33.03
CA GLY D 216 -42.63 39.42 -33.31
C GLY D 216 -43.23 39.08 -34.65
N TYR D 217 -43.06 37.80 -35.03
CA TYR D 217 -43.54 37.29 -36.30
C TYR D 217 -44.64 36.26 -36.05
N GLN D 218 -45.77 36.42 -36.72
CA GLN D 218 -46.91 35.53 -36.55
C GLN D 218 -46.79 34.33 -37.48
N VAL D 219 -46.89 33.14 -36.91
CA VAL D 219 -46.81 31.91 -37.69
C VAL D 219 -48.11 31.72 -38.45
N GLU D 220 -48.01 31.49 -39.76
CA GLU D 220 -49.20 31.32 -40.60
C GLU D 220 -49.78 29.92 -40.46
N LYS D 221 -48.99 28.91 -40.81
CA LYS D 221 -49.44 27.52 -40.77
C LYS D 221 -48.35 26.64 -40.17
N VAL D 222 -48.77 25.58 -39.51
CA VAL D 222 -47.86 24.63 -38.88
C VAL D 222 -48.13 23.25 -39.49
N ILE D 223 -47.07 22.61 -39.97
CA ILE D 223 -47.15 21.29 -40.58
C ILE D 223 -46.38 20.30 -39.71
N SER D 224 -47.05 19.22 -39.32
CA SER D 224 -46.44 18.19 -38.49
C SER D 224 -46.31 16.90 -39.29
N HIS D 225 -45.45 16.01 -38.79
CA HIS D 225 -45.24 14.73 -39.45
C HIS D 225 -46.48 13.86 -39.32
N PRO D 226 -47.01 13.33 -40.43
CA PRO D 226 -48.25 12.53 -40.33
C PRO D 226 -48.08 11.25 -39.53
N ASN D 227 -46.94 10.58 -39.67
CA ASN D 227 -46.70 9.31 -38.97
C ASN D 227 -46.02 9.55 -37.62
N TYR D 228 -46.70 10.32 -36.79
CA TYR D 228 -46.21 10.66 -35.45
C TYR D 228 -46.99 9.89 -34.41
N ASP D 229 -46.28 9.22 -33.50
CA ASP D 229 -46.88 8.47 -32.41
C ASP D 229 -46.46 9.08 -31.08
N SER D 230 -47.45 9.40 -30.24
CA SER D 230 -47.17 10.02 -28.95
C SER D 230 -46.77 9.02 -27.87
N LYS D 231 -46.90 7.72 -28.13
CA LYS D 231 -46.54 6.71 -27.14
C LYS D 231 -45.04 6.44 -27.15
N THR D 232 -44.50 6.04 -28.30
CA THR D 232 -43.07 5.76 -28.42
C THR D 232 -42.27 6.97 -28.87
N LYS D 233 -42.93 8.09 -29.18
CA LYS D 233 -42.26 9.31 -29.63
C LYS D 233 -41.37 9.06 -30.83
N ASN D 234 -42.00 8.63 -31.93
CA ASN D 234 -41.33 8.37 -33.19
C ASN D 234 -41.77 9.39 -34.22
N ASN D 235 -40.81 9.85 -35.03
CA ASN D 235 -41.04 10.86 -36.07
C ASN D 235 -41.61 12.15 -35.46
N ASP D 236 -40.79 12.75 -34.60
CA ASP D 236 -41.15 13.96 -33.87
C ASP D 236 -40.48 15.15 -34.56
N ILE D 237 -41.12 15.65 -35.61
CA ILE D 237 -40.63 16.82 -36.36
C ILE D 237 -41.82 17.59 -36.87
N ALA D 238 -41.81 18.91 -36.64
CA ALA D 238 -42.87 19.80 -37.10
C ALA D 238 -42.25 21.01 -37.79
N LEU D 239 -42.99 21.57 -38.74
CA LEU D 239 -42.56 22.73 -39.50
C LEU D 239 -43.57 23.85 -39.35
N MET D 240 -43.07 25.09 -39.27
CA MET D 240 -43.90 26.26 -39.13
C MET D 240 -43.51 27.29 -40.19
N LYS D 241 -44.51 27.92 -40.79
CA LYS D 241 -44.31 28.91 -41.84
C LYS D 241 -44.62 30.30 -41.30
N LEU D 242 -43.74 31.26 -41.57
CA LEU D 242 -43.89 32.63 -41.10
C LEU D 242 -44.57 33.47 -42.18
N GLN D 243 -45.46 34.37 -41.74
CA GLN D 243 -46.14 35.26 -42.67
C GLN D 243 -45.27 36.42 -43.14
N LYS D 244 -44.07 36.58 -42.58
CA LYS D 244 -43.17 37.63 -42.97
C LYS D 244 -41.98 37.08 -43.76
N PRO D 245 -41.46 37.82 -44.73
CA PRO D 245 -40.31 37.32 -45.51
C PRO D 245 -39.06 37.09 -44.68
N LEU D 246 -38.91 37.78 -43.55
CA LEU D 246 -37.76 37.64 -42.65
C LEU D 246 -36.46 37.92 -43.40
N THR D 247 -36.33 39.18 -43.82
CA THR D 247 -35.15 39.62 -44.55
C THR D 247 -33.90 39.41 -43.70
N PHE D 248 -32.83 38.96 -44.35
CA PHE D 248 -31.59 38.66 -43.64
C PHE D 248 -30.84 39.93 -43.27
N ASN D 249 -30.28 39.93 -42.07
CA ASN D 249 -29.48 41.03 -41.56
C ASN D 249 -28.40 40.46 -40.65
N ASP D 250 -27.78 41.33 -39.86
CA ASP D 250 -26.81 40.87 -38.88
C ASP D 250 -27.48 39.99 -37.84
N LEU D 251 -26.75 38.97 -37.38
CA LEU D 251 -27.22 38.00 -36.41
C LEU D 251 -28.44 37.23 -36.90
N VAL D 252 -28.63 37.14 -38.21
CA VAL D 252 -29.74 36.39 -38.81
C VAL D 252 -29.18 35.66 -40.03
N LYS D 253 -29.03 34.33 -39.91
CA LYS D 253 -28.58 33.50 -41.01
C LYS D 253 -28.90 32.03 -40.74
N PRO D 254 -29.60 31.36 -41.65
CA PRO D 254 -30.03 29.98 -41.38
C PRO D 254 -28.91 28.96 -41.46
N VAL D 255 -29.26 27.69 -41.31
CA VAL D 255 -28.32 26.58 -41.39
C VAL D 255 -28.84 25.58 -42.42
N CYS D 256 -27.92 25.00 -43.20
CA CYS D 256 -28.32 24.11 -44.28
C CYS D 256 -28.70 22.73 -43.73
N LEU D 257 -29.66 22.10 -44.42
CA LEU D 257 -30.05 20.75 -44.08
C LEU D 257 -28.93 19.77 -44.43
N PRO D 258 -28.82 18.66 -43.72
CA PRO D 258 -27.74 17.70 -43.99
C PRO D 258 -28.05 16.90 -45.26
N ASN D 259 -27.08 16.89 -46.17
CA ASN D 259 -27.24 16.15 -47.42
C ASN D 259 -26.92 14.68 -47.21
N PRO D 260 -27.60 13.79 -47.93
CA PRO D 260 -27.30 12.36 -47.81
C PRO D 260 -25.85 12.06 -48.18
N GLY D 261 -25.19 11.29 -47.32
CA GLY D 261 -23.81 10.94 -47.53
C GLY D 261 -22.81 11.84 -46.83
N MET D 262 -23.10 12.20 -45.57
CA MET D 262 -22.16 13.04 -44.82
C MET D 262 -20.97 12.24 -44.31
N MET D 263 -21.17 10.95 -44.02
CA MET D 263 -20.13 10.08 -43.49
C MET D 263 -19.57 10.64 -42.18
N LEU D 264 -20.46 10.76 -41.20
CA LEU D 264 -20.09 11.32 -39.90
C LEU D 264 -19.32 10.30 -39.08
N GLN D 265 -18.41 10.81 -38.24
CA GLN D 265 -17.66 9.95 -37.35
C GLN D 265 -18.56 9.41 -36.23
N PRO D 266 -18.26 8.23 -35.70
CA PRO D 266 -19.07 7.69 -34.60
C PRO D 266 -19.09 8.61 -33.38
N GLU D 267 -17.92 8.92 -32.84
CA GLU D 267 -17.82 9.83 -31.70
C GLU D 267 -17.47 11.24 -32.19
N GLN D 268 -18.45 11.84 -32.86
CA GLN D 268 -18.27 13.17 -33.43
C GLN D 268 -18.60 14.24 -32.38
N LEU D 269 -18.08 15.45 -32.63
CA LEU D 269 -18.27 16.58 -31.73
C LEU D 269 -19.45 17.41 -32.22
N CYS D 270 -20.34 17.79 -31.29
CA CYS D 270 -21.52 18.56 -31.62
C CYS D 270 -21.76 19.60 -30.54
N TRP D 271 -22.72 20.49 -30.80
CA TRP D 271 -23.08 21.57 -29.89
C TRP D 271 -24.59 21.63 -29.73
N ILE D 272 -25.03 22.00 -28.52
CA ILE D 272 -26.44 22.16 -28.21
C ILE D 272 -26.66 23.57 -27.68
N SER D 273 -27.89 24.08 -27.84
CA SER D 273 -28.24 25.40 -27.37
C SER D 273 -29.74 25.46 -27.12
N GLY D 274 -30.13 26.30 -26.16
CA GLY D 274 -31.53 26.44 -25.83
C GLY D 274 -31.70 27.23 -24.55
N TRP D 275 -32.98 27.45 -24.20
CA TRP D 275 -33.36 28.17 -23.00
C TRP D 275 -34.06 27.18 -22.08
N GLY D 276 -33.28 26.51 -21.23
CA GLY D 276 -33.84 25.53 -20.32
C GLY D 276 -33.48 25.79 -18.87
N ALA D 277 -33.49 24.74 -18.05
CA ALA D 277 -33.18 24.84 -16.64
C ALA D 277 -31.66 24.88 -16.45
N THR D 278 -31.24 25.09 -15.20
CA THR D 278 -29.83 25.18 -14.88
C THR D 278 -29.27 23.91 -14.24
N GLU D 279 -29.88 23.40 -13.17
CA GLU D 279 -29.40 22.18 -12.53
C GLU D 279 -30.42 21.05 -12.67
N GLU D 280 -31.66 21.24 -12.20
CA GLU D 280 -32.68 20.21 -12.30
C GLU D 280 -34.06 20.77 -11.99
N LYS D 281 -35.00 20.61 -12.92
CA LYS D 281 -36.39 21.04 -12.73
C LYS D 281 -36.48 22.49 -12.29
N GLY D 282 -35.61 23.33 -12.85
CA GLY D 282 -35.58 24.73 -12.49
C GLY D 282 -36.52 25.59 -13.31
N LYS D 283 -36.14 26.82 -13.56
CA LYS D 283 -36.93 27.76 -14.35
C LYS D 283 -36.26 27.97 -15.71
N THR D 284 -36.86 28.85 -16.51
CA THR D 284 -36.34 29.15 -17.84
C THR D 284 -35.12 30.06 -17.73
N SER D 285 -34.05 29.68 -18.41
CA SER D 285 -32.83 30.48 -18.39
C SER D 285 -33.06 31.80 -19.10
N GLU D 286 -32.71 32.91 -18.43
CA GLU D 286 -32.93 34.23 -19.02
C GLU D 286 -31.99 34.48 -20.19
N VAL D 287 -30.74 34.06 -20.07
CA VAL D 287 -29.76 34.26 -21.11
C VAL D 287 -29.62 32.98 -21.93
N LEU D 288 -28.98 33.10 -23.09
CA LEU D 288 -28.78 31.96 -23.98
C LEU D 288 -27.45 31.28 -23.63
N ASN D 289 -27.53 30.01 -23.24
CA ASN D 289 -26.36 29.23 -22.90
C ASN D 289 -26.22 28.06 -23.86
N ALA D 290 -25.02 27.48 -23.89
CA ALA D 290 -24.73 26.38 -24.80
C ALA D 290 -23.64 25.51 -24.18
N ALA D 291 -23.46 24.33 -24.75
CA ALA D 291 -22.47 23.38 -24.26
C ALA D 291 -22.01 22.51 -25.42
N LYS D 292 -20.99 21.70 -25.15
CA LYS D 292 -20.40 20.80 -26.13
C LYS D 292 -20.71 19.36 -25.75
N VAL D 293 -21.22 18.58 -26.70
CA VAL D 293 -21.61 17.20 -26.48
C VAL D 293 -20.96 16.30 -27.52
N LEU D 294 -20.96 15.01 -27.24
CA LEU D 294 -20.46 14.00 -28.14
C LEU D 294 -21.59 13.08 -28.59
N LEU D 295 -21.41 12.46 -29.75
CA LEU D 295 -22.41 11.58 -30.34
C LEU D 295 -22.04 10.14 -30.04
N ILE D 296 -23.00 9.38 -29.49
CA ILE D 296 -22.81 7.97 -29.18
C ILE D 296 -23.60 7.14 -30.17
N GLU D 297 -23.12 5.92 -30.42
CA GLU D 297 -23.71 5.05 -31.42
C GLU D 297 -25.02 4.44 -30.92
N THR D 298 -25.84 3.99 -31.87
CA THR D 298 -27.14 3.43 -31.54
C THR D 298 -27.00 2.05 -30.89
N GLN D 299 -25.99 1.27 -31.30
CA GLN D 299 -25.79 -0.05 -30.73
C GLN D 299 -25.50 0.03 -29.24
N ARG D 300 -24.68 1.00 -28.82
CA ARG D 300 -24.39 1.18 -27.41
C ARG D 300 -25.52 1.88 -26.69
N CYS D 301 -26.32 2.68 -27.39
CA CYS D 301 -27.45 3.37 -26.77
C CYS D 301 -28.61 2.44 -26.52
N ASN D 302 -28.75 1.37 -27.32
CA ASN D 302 -29.82 0.39 -27.14
C ASN D 302 -29.45 -0.72 -26.18
N SER D 303 -28.44 -0.52 -25.33
CA SER D 303 -28.06 -1.54 -24.38
C SER D 303 -29.15 -1.74 -23.33
N ARG D 304 -29.08 -2.90 -22.65
CA ARG D 304 -30.07 -3.20 -21.62
C ARG D 304 -29.98 -2.25 -20.44
N TYR D 305 -28.81 -1.62 -20.25
CA TYR D 305 -28.58 -0.74 -19.10
C TYR D 305 -28.75 0.73 -19.44
N VAL D 306 -29.10 1.07 -20.69
CA VAL D 306 -29.27 2.46 -21.07
C VAL D 306 -30.73 2.72 -21.42
N TYR D 307 -31.22 2.06 -22.48
CA TYR D 307 -32.60 2.25 -22.91
C TYR D 307 -33.33 0.96 -23.27
N ASP D 308 -32.63 -0.17 -23.45
CA ASP D 308 -33.24 -1.47 -23.72
C ASP D 308 -34.10 -1.43 -24.99
N ASN D 309 -33.42 -1.13 -26.10
CA ASN D 309 -34.02 -1.20 -27.43
C ASN D 309 -35.22 -0.27 -27.56
N LEU D 310 -35.01 1.01 -27.29
CA LEU D 310 -36.05 2.03 -27.45
C LEU D 310 -35.65 3.14 -28.41
N ILE D 311 -34.53 3.01 -29.10
CA ILE D 311 -34.04 4.02 -30.02
C ILE D 311 -34.33 3.53 -31.43
N THR D 312 -35.35 4.11 -32.06
CA THR D 312 -35.69 3.76 -33.43
C THR D 312 -34.64 4.32 -34.39
N PRO D 313 -34.56 3.79 -35.61
CA PRO D 313 -33.62 4.34 -36.59
C PRO D 313 -33.85 5.81 -36.90
N ALA D 314 -35.02 6.36 -36.59
CA ALA D 314 -35.31 7.77 -36.82
C ALA D 314 -34.79 8.67 -35.70
N MET D 315 -34.14 8.12 -34.69
CA MET D 315 -33.63 8.88 -33.57
C MET D 315 -32.16 8.56 -33.34
N ILE D 316 -31.43 9.51 -32.77
CA ILE D 316 -30.01 9.36 -32.46
C ILE D 316 -29.78 9.79 -31.02
N CYS D 317 -28.75 9.22 -30.41
CA CYS D 317 -28.38 9.52 -29.02
C CYS D 317 -27.12 10.37 -29.02
N ALA D 318 -27.12 11.41 -28.18
CA ALA D 318 -25.97 12.30 -28.05
C ALA D 318 -25.85 12.76 -26.61
N GLY D 319 -24.62 12.89 -26.13
CA GLY D 319 -24.35 13.32 -24.79
C GLY D 319 -23.19 12.55 -24.20
N PHE D 320 -23.15 12.48 -22.87
CA PHE D 320 -22.10 11.79 -22.14
C PHE D 320 -22.74 10.76 -21.21
N LEU D 321 -22.19 9.54 -21.21
CA LEU D 321 -22.69 8.50 -20.33
C LEU D 321 -22.40 8.79 -18.86
N GLN D 322 -21.39 9.61 -18.57
CA GLN D 322 -21.09 9.99 -17.20
C GLN D 322 -22.04 11.06 -16.67
N GLY D 323 -22.67 11.82 -17.55
CA GLY D 323 -23.61 12.84 -17.16
C GLY D 323 -22.99 14.22 -17.08
N ASN D 324 -23.65 15.08 -16.29
CA ASN D 324 -23.22 16.44 -15.98
C ASN D 324 -23.35 17.37 -17.18
N VAL D 325 -23.71 16.84 -18.34
CA VAL D 325 -23.90 17.63 -19.55
C VAL D 325 -25.11 17.04 -20.28
N ASP D 326 -26.21 17.78 -20.29
CA ASP D 326 -27.44 17.35 -20.96
C ASP D 326 -28.38 18.56 -21.00
N SER D 327 -29.57 18.35 -21.57
CA SER D 327 -30.59 19.39 -21.65
C SER D 327 -31.80 18.98 -20.82
N CYS D 328 -32.36 19.94 -20.10
CA CYS D 328 -33.49 19.72 -19.21
C CYS D 328 -34.79 20.15 -19.90
N GLN D 329 -35.88 20.15 -19.13
CA GLN D 329 -37.17 20.55 -19.67
C GLN D 329 -37.13 22.00 -20.12
N GLY D 330 -37.75 22.27 -21.27
CA GLY D 330 -37.75 23.59 -21.86
C GLY D 330 -36.92 23.73 -23.11
N ASP D 331 -35.96 22.85 -23.33
CA ASP D 331 -35.11 22.89 -24.53
C ASP D 331 -35.70 22.07 -25.66
N SER D 332 -36.96 22.34 -25.99
CA SER D 332 -37.60 21.66 -27.10
C SER D 332 -37.07 22.21 -28.42
N GLY D 333 -37.14 21.38 -29.46
CA GLY D 333 -36.52 21.74 -30.72
C GLY D 333 -35.02 21.74 -30.57
N GLY D 334 -34.42 22.92 -30.61
CA GLY D 334 -33.02 23.08 -30.32
C GLY D 334 -32.13 22.68 -31.49
N PRO D 335 -31.13 23.50 -31.79
CA PRO D 335 -30.20 23.16 -32.87
C PRO D 335 -29.07 22.27 -32.39
N LEU D 336 -28.91 21.11 -33.01
CA LEU D 336 -27.77 20.22 -32.78
C LEU D 336 -26.90 20.26 -34.02
N VAL D 337 -25.84 21.06 -33.98
CA VAL D 337 -25.02 21.34 -35.15
C VAL D 337 -23.62 20.77 -34.93
N THR D 338 -22.93 20.52 -36.04
CA THR D 338 -21.57 20.02 -36.02
C THR D 338 -20.75 20.77 -37.06
N SER D 339 -19.43 20.64 -36.96
CA SER D 339 -18.50 21.34 -37.82
C SER D 339 -17.87 20.36 -38.81
N LYS D 340 -18.03 20.65 -40.10
CA LYS D 340 -17.43 19.83 -41.15
C LYS D 340 -17.39 20.66 -42.43
N ASN D 341 -16.21 20.68 -43.07
CA ASN D 341 -16.00 21.41 -44.31
C ASN D 341 -16.27 22.91 -44.14
N ASN D 342 -15.91 23.45 -42.97
CA ASN D 342 -16.05 24.87 -42.66
C ASN D 342 -17.50 25.35 -42.81
N ILE D 343 -18.46 24.48 -42.52
CA ILE D 343 -19.87 24.83 -42.58
C ILE D 343 -20.62 23.96 -41.58
N TRP D 344 -21.56 24.58 -40.87
CA TRP D 344 -22.33 23.89 -39.83
C TRP D 344 -23.53 23.18 -40.45
N TRP D 345 -23.79 21.96 -39.95
CA TRP D 345 -24.91 21.15 -40.41
C TRP D 345 -25.79 20.78 -39.24
N LEU D 346 -27.10 20.92 -39.43
CA LEU D 346 -28.09 20.55 -38.42
C LEU D 346 -28.41 19.08 -38.54
N ILE D 347 -28.13 18.31 -37.49
CA ILE D 347 -28.30 16.86 -37.53
C ILE D 347 -29.23 16.33 -36.46
N GLY D 348 -29.61 17.13 -35.45
CA GLY D 348 -30.40 16.64 -34.35
C GLY D 348 -31.60 17.54 -34.07
N ASP D 349 -32.47 17.02 -33.19
CA ASP D 349 -33.68 17.74 -32.79
C ASP D 349 -34.13 17.16 -31.47
N THR D 350 -34.04 17.96 -30.40
CA THR D 350 -34.35 17.47 -29.06
C THR D 350 -35.80 17.00 -28.99
N SER D 351 -36.00 15.73 -28.64
CA SER D 351 -37.31 15.12 -28.58
C SER D 351 -37.73 14.77 -27.16
N TRP D 352 -36.92 13.98 -26.45
CA TRP D 352 -37.27 13.55 -25.10
C TRP D 352 -36.00 13.14 -24.37
N GLY D 353 -36.18 12.61 -23.16
CA GLY D 353 -35.07 12.18 -22.35
C GLY D 353 -35.51 11.94 -20.93
N SER D 354 -34.67 11.24 -20.18
CA SER D 354 -34.93 10.89 -18.79
C SER D 354 -34.12 11.84 -17.91
N GLY D 355 -34.73 12.95 -17.52
CA GLY D 355 -34.02 13.93 -16.72
C GLY D 355 -32.91 14.60 -17.51
N CYS D 356 -31.94 15.15 -16.77
CA CYS D 356 -30.79 15.80 -17.37
C CYS D 356 -29.61 15.72 -16.41
N ALA D 357 -28.41 15.62 -16.97
CA ALA D 357 -27.18 15.54 -16.18
C ALA D 357 -27.19 14.36 -15.23
N LYS D 358 -27.62 13.20 -15.75
CA LYS D 358 -27.67 11.97 -14.97
C LYS D 358 -26.93 10.86 -15.72
N ALA D 359 -26.33 9.95 -14.95
CA ALA D 359 -25.59 8.86 -15.55
C ALA D 359 -26.53 7.85 -16.19
N TYR D 360 -26.03 7.19 -17.25
CA TYR D 360 -26.73 6.18 -18.02
C TYR D 360 -27.98 6.70 -18.71
N ARG D 361 -28.20 8.01 -18.73
CA ARG D 361 -29.39 8.62 -19.33
C ARG D 361 -28.94 9.73 -20.27
N PRO D 362 -28.57 9.40 -21.50
CA PRO D 362 -28.15 10.42 -22.47
C PRO D 362 -29.36 11.09 -23.10
N GLY D 363 -29.07 12.00 -24.03
CA GLY D 363 -30.13 12.72 -24.72
C GLY D 363 -30.51 12.07 -26.04
N VAL D 364 -31.79 12.14 -26.36
CA VAL D 364 -32.33 11.58 -27.59
C VAL D 364 -32.71 12.72 -28.51
N TYR D 365 -32.21 12.68 -29.75
CA TYR D 365 -32.43 13.73 -30.73
C TYR D 365 -32.98 13.13 -32.00
N GLY D 366 -33.86 13.88 -32.67
CA GLY D 366 -34.45 13.40 -33.91
C GLY D 366 -33.45 13.47 -35.06
N ASN D 367 -33.39 12.39 -35.84
CA ASN D 367 -32.45 12.31 -36.96
C ASN D 367 -33.13 12.90 -38.19
N VAL D 368 -32.74 14.14 -38.54
CA VAL D 368 -33.33 14.82 -39.68
C VAL D 368 -32.89 14.24 -41.02
N MET D 369 -31.92 13.33 -41.02
CA MET D 369 -31.48 12.70 -42.26
C MET D 369 -32.63 11.92 -42.91
N VAL D 370 -33.47 11.28 -42.10
CA VAL D 370 -34.58 10.50 -42.63
C VAL D 370 -35.69 11.41 -43.13
N PHE D 371 -35.90 12.53 -42.46
CA PHE D 371 -36.98 13.45 -42.78
C PHE D 371 -36.57 14.55 -43.74
N THR D 372 -35.34 14.50 -44.26
CA THR D 372 -34.89 15.53 -45.21
C THR D 372 -35.78 15.57 -46.45
N ASP D 373 -36.21 14.39 -46.94
CA ASP D 373 -37.04 14.36 -48.14
C ASP D 373 -38.44 14.89 -47.87
N TRP D 374 -38.97 14.62 -46.67
CA TRP D 374 -40.32 15.09 -46.33
C TRP D 374 -40.36 16.61 -46.27
N ILE D 375 -39.31 17.24 -45.75
CA ILE D 375 -39.26 18.70 -45.69
C ILE D 375 -39.26 19.28 -47.09
N TYR D 376 -38.45 18.71 -48.00
CA TYR D 376 -38.43 19.18 -49.38
C TYR D 376 -39.78 18.99 -50.05
N ARG D 377 -40.42 17.84 -49.81
CA ARG D 377 -41.74 17.60 -50.41
C ARG D 377 -42.76 18.61 -49.90
N GLN D 378 -42.74 18.92 -48.61
CA GLN D 378 -43.69 19.89 -48.07
C GLN D 378 -43.41 21.29 -48.61
N MET D 379 -42.14 21.67 -48.73
CA MET D 379 -41.80 22.99 -49.25
C MET D 379 -42.17 23.10 -50.73
N ARG D 380 -42.09 21.99 -51.47
CA ARG D 380 -42.48 22.01 -52.87
C ARG D 380 -43.99 22.07 -53.01
N ALA D 381 -44.73 21.33 -52.18
CA ALA D 381 -46.18 21.34 -52.23
C ALA D 381 -46.78 22.64 -51.68
N ASP D 382 -46.03 23.39 -50.87
CA ASP D 382 -46.55 24.66 -50.36
C ASP D 382 -46.71 25.68 -51.48
N GLY D 383 -45.82 25.65 -52.47
CA GLY D 383 -45.90 26.58 -53.58
C GLY D 383 -46.50 25.97 -54.83
C1 NAG E . 13.75 7.33 21.37
C2 NAG E . 12.42 6.97 20.73
C3 NAG E . 11.51 8.19 20.66
C4 NAG E . 11.36 8.83 22.04
C5 NAG E . 12.75 9.12 22.62
C6 NAG E . 12.69 9.65 24.03
C7 NAG E . 12.21 5.18 19.06
C8 NAG E . 12.50 4.75 17.65
N2 NAG E . 12.61 6.40 19.40
O3 NAG E . 10.23 7.81 20.17
O4 NAG E . 10.62 10.04 21.93
O5 NAG E . 13.52 7.92 22.66
O6 NAG E . 11.98 8.77 24.89
O7 NAG E . 11.64 4.44 19.86
C1 NAG E . 9.38 9.89 22.67
C2 NAG E . 8.92 11.28 23.10
C3 NAG E . 7.59 11.17 23.85
C4 NAG E . 6.57 10.41 23.03
C5 NAG E . 7.13 9.07 22.57
C6 NAG E . 6.21 8.33 21.63
C7 NAG E . 10.42 13.15 23.63
C8 NAG E . 11.44 13.67 24.58
N2 NAG E . 9.92 11.94 23.92
O3 NAG E . 7.11 12.48 24.15
O4 NAG E . 5.40 10.17 23.81
O5 NAG E . 8.37 9.27 21.87
O6 NAG E . 5.91 9.10 20.47
O7 NAG E . 10.06 13.78 22.65
C1 BMA E . 4.34 11.07 23.41
C2 BMA E . 2.99 10.37 23.71
C3 BMA E . 1.83 11.35 23.51
C4 BMA E . 2.08 12.68 24.21
C5 BMA E . 3.43 13.26 23.76
C6 BMA E . 3.77 14.57 24.43
O2 BMA E . 2.94 9.95 25.06
O3 BMA E . 0.60 10.79 23.95
O4 BMA E . 1.05 13.60 23.91
O5 BMA E . 4.45 12.31 24.09
O6 BMA E . 4.92 15.12 23.80
C1 MAN E . -0.16 10.38 22.80
C2 MAN E . -1.67 10.60 23.12
C3 MAN E . -2.18 9.54 24.11
C4 MAN E . -1.81 8.13 23.63
C5 MAN E . -0.29 8.05 23.45
C6 MAN E . 0.18 6.69 22.98
O2 MAN E . -2.49 10.47 21.96
O3 MAN E . -3.59 9.64 24.30
O4 MAN E . -2.24 7.17 24.56
O5 MAN E . 0.12 9.02 22.48
O6 MAN E . 1.60 6.63 23.13
C1 NAG F . 1.07 7.47 30.81
C2 NAG F . 0.35 8.75 31.20
C3 NAG F . -1.05 8.44 31.68
C4 NAG F . -1.81 7.61 30.66
C5 NAG F . -1.00 6.37 30.29
C6 NAG F . -1.59 5.59 29.13
C7 NAG F . 1.96 10.35 32.08
C8 NAG F . 1.45 11.67 31.58
N2 NAG F . 1.04 9.41 32.28
O3 NAG F . -1.72 9.67 31.93
O4 NAG F . -3.02 7.16 31.29
O5 NAG F . 0.31 6.72 29.87
O6 NAG F . -0.80 4.42 28.93
O7 NAG F . 3.14 10.15 32.29
C1 NAG F . -4.18 7.79 30.70
C2 NAG F . -5.36 6.84 30.77
C3 NAG F . -6.56 7.50 30.10
C4 NAG F . -6.84 8.81 30.84
C5 NAG F . -5.59 9.68 30.77
C6 NAG F . -5.75 11.01 31.50
C7 NAG F . -4.77 4.49 30.79
C8 NAG F . -4.83 3.20 30.02
N2 NAG F . -5.08 5.58 30.11
O3 NAG F . -7.66 6.60 30.13
O4 NAG F . -7.95 9.48 30.25
O5 NAG F . -4.51 8.99 31.37
O6 NAG F . -5.92 10.73 32.90
O7 NAG F . -4.43 4.52 31.97
C1 BMA F . -9.07 9.48 31.17
C2 BMA F . -9.96 10.67 30.91
C3 BMA F . -11.12 10.65 31.89
C4 BMA F . -11.85 9.32 31.78
C5 BMA F . -10.88 8.17 32.00
C6 BMA F . -11.57 6.82 31.80
O2 BMA F . -10.46 10.63 29.56
O3 BMA F . -12.02 11.72 31.60
O4 BMA F . -12.90 9.27 32.75
O5 BMA F . -9.81 8.27 31.07
O6 BMA F . -10.56 5.80 31.89
C1 NAG G . 18.54 -16.98 23.35
C2 NAG G . 18.17 -16.56 21.93
C3 NAG G . 16.81 -15.86 21.95
C4 NAG G . 15.76 -16.73 22.62
C5 NAG G . 16.25 -17.17 24.00
C6 NAG G . 15.32 -18.16 24.66
C7 NAG G . 19.79 -15.95 20.19
C8 NAG G . 20.81 -14.94 19.75
N2 NAG G . 19.19 -15.69 21.35
O3 NAG G . 16.42 -15.58 20.60
O4 NAG G . 14.56 -15.98 22.80
O5 NAG G . 17.53 -17.83 23.89
O6 NAG G . 15.37 -19.43 24.04
O7 NAG G . 19.51 -16.93 19.52
C1 NAG G . 13.57 -16.42 21.84
C2 NAG G . 12.19 -16.10 22.41
C3 NAG G . 11.11 -16.47 21.41
C4 NAG G . 11.37 -15.79 20.07
C5 NAG G . 12.77 -16.12 19.59
C6 NAG G . 13.16 -15.39 18.32
C7 NAG G . 11.98 -16.19 24.86
C8 NAG G . 11.74 -17.07 26.05
N2 NAG G . 11.98 -16.80 23.68
O3 NAG G . 9.84 -16.07 21.91
O4 NAG G . 10.41 -16.22 19.10
O5 NAG G . 13.73 -15.73 20.59
O6 NAG G . 12.71 -14.04 18.34
O7 NAG G . 12.16 -14.99 24.96
C1 BMA G . 9.54 -15.12 18.78
C2 BMA G . 8.82 -15.45 17.45
C3 BMA G . 7.77 -14.37 17.15
C4 BMA G . 6.86 -14.12 18.36
C5 BMA G . 7.72 -13.78 19.59
C6 BMA G . 6.90 -13.55 20.85
O2 BMA G . 8.14 -16.69 17.54
O3 BMA G . 6.98 -14.74 16.02
O4 BMA G . 5.98 -13.04 18.09
O5 BMA G . 8.61 -14.89 19.83
O6 BMA G . 7.75 -13.00 21.85
C1 NAG H . 24.50 -29.40 38.01
C2 NAG H . 25.37 -30.50 37.41
C3 NAG H . 24.97 -31.87 38.00
C4 NAG H . 24.99 -31.82 39.53
C5 NAG H . 24.16 -30.65 40.04
C6 NAG H . 24.25 -30.46 41.53
C7 NAG H . 26.26 -30.92 35.17
C8 NAG H . 25.98 -30.89 33.70
N2 NAG H . 25.27 -30.53 35.97
O3 NAG H . 25.86 -32.86 37.53
O4 NAG H . 24.47 -33.02 40.06
O5 NAG H . 24.61 -29.42 39.44
O6 NAG H . 25.56 -30.71 42.01
O7 NAG H . 27.35 -31.29 35.62
C1 NAG H . 25.54 -33.78 40.66
C2 NAG H . 24.95 -34.66 41.77
C3 NAG H . 26.04 -35.52 42.39
C4 NAG H . 26.78 -36.31 41.33
C5 NAG H . 27.30 -35.37 40.24
C6 NAG H . 27.94 -36.10 39.08
C7 NAG H . 22.96 -33.67 42.81
C8 NAG H . 22.45 -32.80 43.92
N2 NAG H . 24.29 -33.85 42.77
O3 NAG H . 25.46 -36.41 43.34
O4 NAG H . 27.88 -37.00 41.90
O5 NAG H . 26.21 -34.61 39.69
O6 NAG H . 27.07 -37.09 38.55
O7 NAG H . 22.21 -34.18 41.99
C1 NAG I . 8.28 -21.13 56.41
C2 NAG I . 6.95 -21.89 56.33
C3 NAG I . 6.04 -21.46 57.48
C4 NAG I . 6.75 -21.62 58.82
C5 NAG I . 8.11 -20.89 58.78
C6 NAG I . 8.93 -21.12 60.03
C7 NAG I . 5.47 -22.57 54.50
C8 NAG I . 4.88 -22.19 53.19
N2 NAG I . 6.30 -21.68 55.06
O3 NAG I . 4.86 -22.26 57.47
O4 NAG I . 5.96 -21.05 59.86
O5 NAG I . 8.89 -21.36 57.68
O6 NAG I . 9.16 -22.50 60.26
O7 NAG I . 5.21 -23.65 55.05
C1 NAG I . 5.38 -22.11 60.65
C2 NAG I . 4.85 -21.50 61.95
C3 NAG I . 4.18 -22.58 62.80
C4 NAG I . 3.12 -23.31 61.98
C5 NAG I . 3.72 -23.84 60.68
C6 NAG I . 2.68 -24.47 59.78
C7 NAG I . 5.97 -19.53 62.89
C8 NAG I . 7.13 -19.03 63.69
N2 NAG I . 5.92 -20.85 62.70
O3 NAG I . 3.58 -21.97 63.94
O4 NAG I . 2.59 -24.39 62.73
O5 NAG I . 4.31 -22.77 59.95
O6 NAG I . 1.65 -23.56 59.46
O7 NAG I . 5.11 -18.77 62.44
C1 NAG J . 8.40 -20.83 6.09
C2 NAG J . 8.99 -20.10 7.31
C3 NAG J . 8.09 -20.29 8.51
C4 NAG J . 6.67 -19.86 8.21
C5 NAG J . 6.17 -20.61 6.98
C6 NAG J . 4.79 -20.17 6.52
C7 NAG J . 11.39 -19.75 7.68
C8 NAG J . 12.71 -20.41 7.98
N2 NAG J . 10.34 -20.57 7.59
O3 NAG J . 8.60 -19.52 9.61
O4 NAG J . 5.82 -20.11 9.30
O5 NAG J . 7.06 -20.37 5.87
O6 NAG J . 4.75 -18.78 6.27
O7 NAG J . 11.29 -18.54 7.55
C1 NAG J . 5.34 -18.84 9.82
C2 NAG J . 4.22 -19.10 10.82
C3 NAG J . 3.73 -17.78 11.41
C4 NAG J . 4.89 -17.00 12.01
C5 NAG J . 6.00 -16.83 10.97
C6 NAG J . 7.23 -16.17 11.53
C7 NAG J . 2.99 -21.15 10.23
C8 NAG J . 1.80 -21.72 9.52
N2 NAG J . 3.12 -19.81 10.19
O3 NAG J . 2.75 -18.05 12.41
O4 NAG J . 4.44 -15.72 12.43
O5 NAG J . 6.40 -18.12 10.46
O6 NAG J . 7.17 -16.06 12.95
O7 NAG J . 3.81 -21.85 10.82
C1 NAG K . 35.15 -28.71 18.01
C2 NAG K . 34.00 -28.96 17.04
C3 NAG K . 32.67 -28.56 17.68
C4 NAG K . 32.49 -29.27 19.02
C5 NAG K . 33.69 -29.02 19.91
C6 NAG K . 33.65 -29.78 21.21
C7 NAG K . 34.35 -28.83 14.62
C8 NAG K . 34.54 -27.91 13.44
N2 NAG K . 34.20 -28.22 15.80
O3 NAG K . 31.60 -28.89 16.80
O4 NAG K . 31.31 -28.80 19.67
O5 NAG K . 34.90 -29.42 19.24
O6 NAG K . 34.13 -31.11 21.05
O7 NAG K . 34.32 -30.05 14.50
C1 NAG K . 30.36 -29.88 19.75
C2 NAG K . 29.32 -29.52 20.81
C3 NAG K . 28.27 -30.63 20.89
C4 NAG K . 27.67 -30.90 19.51
C5 NAG K . 28.78 -31.19 18.51
C6 NAG K . 28.27 -31.36 17.10
C7 NAG K . 30.20 -28.09 22.59
C8 NAG K . 30.84 -28.05 23.94
N2 NAG K . 29.94 -29.31 22.10
O3 NAG K . 27.24 -30.23 21.80
O4 NAG K . 26.79 -32.03 19.59
O5 NAG K . 29.71 -30.11 18.49
O6 NAG K . 27.39 -30.30 16.73
O7 NAG K . 29.93 -27.06 21.97
C1 NAG L . 32.76 -16.08 2.55
C2 NAG L . 32.92 -17.59 2.33
C3 NAG L . 34.25 -17.90 1.65
C4 NAG L . 34.40 -17.07 0.38
C5 NAG L . 34.22 -15.59 0.69
C6 NAG L . 34.27 -14.71 -0.53
C7 NAG L . 32.03 -19.39 3.74
C8 NAG L . 32.02 -20.02 5.10
N2 NAG L . 32.80 -18.32 3.58
O3 NAG L . 34.32 -19.29 1.35
O4 NAG L . 35.69 -17.28 -0.20
O5 NAG L . 32.94 -15.38 1.30
O6 NAG L . 33.86 -15.40 -1.70
O7 NAG L . 31.35 -19.84 2.82
C1 NAG L . 35.56 -18.11 -1.37
C2 NAG L . 36.89 -18.12 -2.12
C3 NAG L . 36.81 -19.02 -3.34
C4 NAG L . 36.34 -20.41 -2.94
C5 NAG L . 35.04 -20.32 -2.15
C6 NAG L . 34.57 -21.66 -1.62
C7 NAG L . 38.52 -16.31 -2.41
C8 NAG L . 38.74 -14.89 -2.87
N2 NAG L . 37.27 -16.77 -2.51
O3 NAG L . 38.09 -19.10 -3.95
O4 NAG L . 36.14 -21.21 -4.10
O5 NAG L . 35.21 -19.46 -1.01
O6 NAG L . 33.54 -21.51 -0.65
O7 NAG L . 39.44 -17.00 -1.99
O4 MJJ M . 8.84 -8.67 51.79
C4 MJJ M . 9.13 -8.63 50.35
C5 MJJ M . 8.79 -7.25 49.83
N5 MJJ M . 9.62 -6.98 48.62
C10 MJJ M . 10.60 -5.91 48.67
O10 MJJ M . 10.73 -5.27 49.66
C11 MJJ M . 11.46 -5.61 47.45
C3 MJJ M . 8.41 -9.74 49.70
C2 MJJ M . 6.96 -9.38 49.41
O2 MJJ M . 6.62 -9.81 50.71
CM2 MJJ M . 6.79 -11.14 51.16
C1 MJJ M . 6.01 -10.39 48.83
O1A MJJ M . 4.78 -10.26 49.02
O1B MJJ M . 6.45 -11.32 48.11
O6 MJJ M . 6.43 -8.06 49.88
C6 MJJ M . 7.33 -7.00 49.47
C7 MJJ M . 6.88 -5.70 50.12
O7 MJJ M . 7.35 -5.65 51.44
C8 MJJ M . 5.35 -5.64 50.13
O8 MJJ M . 4.83 -6.49 49.13
C9 MJJ M . 4.90 -4.21 49.86
O9 MJJ M . 5.33 -3.82 48.58
CA9 MJJ M . 4.84 -2.58 48.17
OA9 MJJ M . 4.01 -2.03 48.81
CM9 MJJ M . 5.38 -1.93 46.89
C1 NAG N . 8.46 7.66 55.28
C2 NAG N . 7.20 8.43 55.68
C3 NAG N . 7.52 9.90 55.87
C4 NAG N . 8.68 10.08 56.85
C5 NAG N . 9.87 9.24 56.42
C6 NAG N . 11.01 9.26 57.41
C7 NAG N . 5.04 7.54 54.91
C8 NAG N . 4.07 7.48 53.77
N2 NAG N . 6.15 8.26 54.69
O3 NAG N . 6.37 10.59 56.36
O4 NAG N . 9.06 11.44 56.93
O5 NAG N . 9.48 7.87 56.26
O6 NAG N . 10.70 8.49 58.57
O7 NAG N . 4.84 6.97 55.98
C1 NAG O . -1.27 -7.71 30.38
C2 NAG O . -2.14 -6.69 31.11
C3 NAG O . -3.60 -7.12 31.05
C4 NAG O . -4.03 -7.36 29.61
C5 NAG O . -3.08 -8.34 28.93
C6 NAG O . -3.37 -8.53 27.46
C7 NAG O . -1.22 -5.39 32.97
C8 NAG O . -0.82 -5.41 34.42
N2 NAG O . -1.71 -6.53 32.48
O3 NAG O . -4.41 -6.11 31.63
O4 NAG O . -5.35 -7.88 29.57
O5 NAG O . -1.73 -7.85 29.02
O6 NAG O . -3.69 -7.30 26.83
O7 NAG O . -1.10 -4.39 32.28
C1 NAG P . -0.01 -30.99 36.37
C2 NAG P . -0.52 -30.00 35.33
C3 NAG P . -2.05 -29.95 35.37
C4 NAG P . -2.64 -31.34 35.23
C5 NAG P . -2.03 -32.28 36.28
C6 NAG P . -2.48 -33.71 36.11
C7 NAG P . 0.78 -28.04 34.62
C8 NAG P . 1.28 -26.69 35.01
N2 NAG P . 0.04 -28.67 35.54
O3 NAG P . -2.53 -29.11 34.32
O4 NAG P . -4.04 -31.30 35.40
O5 NAG P . -0.60 -32.28 36.16
O6 NAG P . -1.96 -34.29 34.92
O7 NAG P . 1.03 -28.56 33.53
C1 NAG Q . -12.58 -26.92 -6.45
C2 NAG Q . -13.87 -27.34 -5.73
C3 NAG Q . -14.19 -28.81 -6.02
C4 NAG Q . -14.23 -29.05 -7.53
C5 NAG Q . -12.93 -28.56 -8.18
C6 NAG Q . -12.94 -28.66 -9.69
C7 NAG Q . -14.19 -26.00 -3.69
C8 NAG Q . -13.99 -25.95 -2.21
N2 NAG Q . -13.76 -27.13 -4.30
O3 NAG Q . -15.45 -29.14 -5.45
O4 NAG Q . -14.39 -30.44 -7.80
O5 NAG Q . -12.71 -27.18 -7.86
O6 NAG Q . -14.04 -27.93 -10.24
O7 NAG Q . -14.72 -25.10 -4.32
C1 NAG R . 12.64 -31.62 -0.05
C2 NAG R . 13.36 -32.64 0.82
C3 NAG R . 14.87 -32.37 0.81
C4 NAG R . 15.38 -32.31 -0.63
C5 NAG R . 14.57 -31.30 -1.44
C6 NAG R . 14.96 -31.26 -2.90
C7 NAG R . 11.99 -33.53 2.65
C8 NAG R . 11.57 -33.37 4.07
N2 NAG R . 12.85 -32.63 2.18
O3 NAG R . 15.54 -33.41 1.52
O4 NAG R . 16.75 -31.92 -0.64
O5 NAG R . 13.18 -31.64 -1.38
O6 NAG R . 15.35 -32.55 -3.37
O7 NAG R . 11.56 -34.45 1.94
#